data_5YDJ
#
_entry.id   5YDJ
#
_cell.length_a   147.650
_cell.length_b   147.650
_cell.length_c   224.180
_cell.angle_alpha   90.00
_cell.angle_beta   90.00
_cell.angle_gamma   120.00
#
_symmetry.space_group_name_H-M   'P 61'
#
loop_
_entity.id
_entity.type
_entity.pdbx_description
1 polymer Acetylcholinesterase
2 branched 2-acetamido-2-deoxy-beta-D-glucopyranose-(1-4)-2-acetamido-2-deoxy-beta-D-glucopyranose
3 non-polymer 2-acetamido-2-deoxy-beta-D-glucopyranose
4 non-polymer 'SULFATE ION'
5 non-polymer 'COBALT (II) ION'
6 water water
#
_entity_poly.entity_id   1
_entity_poly.type   'polypeptide(L)'
_entity_poly.pdbx_seq_one_letter_code
;MEIRGLLMGRLRLGRRMVPLGLLGVTALLLILPPFALVQGRHHELNNGAAIGSHQLSAAAGVGLASQSAQSGSLASGVMS
SVPAAGASSSSSSSLLSSSAEDDVARITLSKDADAFFTPYIGHGESVRIIDAELGTLEHVHSGATPRRRGLTRRESNSDA
NDNDPLVVNTDKGRIRGITVDAPSGKKVDVWLGIPYAQPPVGPLRFRHPRPAEKWTGVLNTTTPPNSCVQIVDTVFGDFP
GATMWNPNTPLSEDCLYINVVAPRPRPKNAAVMLWIFGGGFYSGTATLDVYDHRALASEENVIVVSLQYRVASLGFLFLG
TPEAPGNAGLFDQNLALRWVRDNIHRFGGDPSRVTLFGE(SEB)AGAVSVSLHLLSALSRDLFQRAILQSGSPTAPWALV
SREEATLRALRLAEAVGCPHEPSKLSDAVECLRGKDPHVLVNNEWGTLGICEFPFVPVVDGAFLDETPQRSLASGRFKKT
EILTGSNTEEGYYFIIYYLTELLRKEEGVTVTREEFLQAVRELNPYVNGAARQAIVFEYTDWTEPDNPNSNRDALDKMVG
DYHFTCNVNEFAQRYAEEGNNVYMYLYTHRSKGNPWPRWTGVMHGDEINYVFGEPLNPTLGYTEDEKDFSRKIMRYWSNF
AKTGNPNPNTASSEFPEWPKHTAHGRHYLELGLNTSFVGRGPRLRQCAFWKKYLPQLVAATSNLPGPAPPSEPCESSAFF
YRPDLIVLLVSLLTATVRFIQ
;
_entity_poly.pdbx_strand_id   A,B
#
# COMPACT_ATOMS: atom_id res chain seq x y z
N ASP A 162 12.12 -25.11 19.03
CA ASP A 162 12.05 -26.55 18.61
C ASP A 162 13.24 -26.95 17.74
N ASN A 163 13.72 -28.18 17.94
CA ASN A 163 14.75 -28.78 17.06
C ASN A 163 14.14 -29.38 15.78
N ASP A 164 12.81 -29.54 15.78
CA ASP A 164 12.06 -30.03 14.61
C ASP A 164 12.10 -29.01 13.46
N PRO A 165 12.54 -29.42 12.25
CA PRO A 165 12.55 -28.47 11.11
C PRO A 165 11.17 -28.11 10.55
N LEU A 166 10.22 -29.05 10.61
CA LEU A 166 8.84 -28.83 10.13
C LEU A 166 8.13 -27.63 10.76
N VAL A 167 8.32 -27.44 12.08
CA VAL A 167 7.81 -26.23 12.75
C VAL A 167 8.65 -25.00 12.39
N VAL A 168 7.96 -23.93 11.98
CA VAL A 168 8.61 -22.69 11.51
C VAL A 168 7.92 -21.51 12.20
N ASN A 169 8.71 -20.68 12.88
CA ASN A 169 8.19 -19.49 13.59
C ASN A 169 8.02 -18.31 12.64
N THR A 170 6.84 -18.21 12.02
CA THR A 170 6.49 -17.06 11.17
C THR A 170 6.29 -15.83 12.05
N ASP A 171 6.19 -14.66 11.42
CA ASP A 171 6.09 -13.40 12.16
C ASP A 171 4.82 -13.27 13.04
N LYS A 172 3.75 -13.98 12.66
CA LYS A 172 2.46 -13.98 13.39
C LYS A 172 2.21 -15.23 14.26
N GLY A 173 3.04 -16.26 14.11
CA GLY A 173 2.93 -17.46 14.95
C GLY A 173 3.73 -18.65 14.45
N ARG A 174 3.53 -19.79 15.11
CA ARG A 174 4.18 -21.05 14.75
C ARG A 174 3.29 -21.88 13.83
N ILE A 175 3.91 -22.48 12.80
CA ILE A 175 3.22 -23.39 11.89
C ILE A 175 3.97 -24.71 11.74
N ARG A 176 3.22 -25.82 11.70
CA ARG A 176 3.79 -27.15 11.48
C ARG A 176 3.52 -27.61 10.05
N GLY A 177 4.60 -27.82 9.29
CA GLY A 177 4.52 -28.37 7.94
C GLY A 177 4.48 -29.89 7.92
N ILE A 178 4.97 -30.48 6.84
CA ILE A 178 4.95 -31.93 6.66
C ILE A 178 5.89 -32.33 5.53
N THR A 179 6.55 -33.48 5.67
CA THR A 179 7.39 -34.02 4.60
C THR A 179 6.50 -34.84 3.65
N VAL A 180 6.66 -34.59 2.35
CA VAL A 180 5.86 -35.24 1.29
C VAL A 180 6.79 -35.72 0.19
N ASP A 181 6.47 -36.88 -0.38
CA ASP A 181 7.17 -37.41 -1.56
C ASP A 181 6.76 -36.65 -2.81
N ALA A 182 7.76 -36.24 -3.60
CA ALA A 182 7.52 -35.80 -4.98
C ALA A 182 7.18 -37.00 -5.86
N PRO A 183 6.54 -36.77 -7.02
CA PRO A 183 6.36 -37.88 -7.98
C PRO A 183 7.68 -38.45 -8.55
N SER A 184 8.75 -37.66 -8.52
CA SER A 184 10.09 -38.13 -8.90
C SER A 184 10.73 -39.16 -7.95
N GLY A 185 10.24 -39.24 -6.71
CA GLY A 185 10.81 -40.09 -5.66
C GLY A 185 11.82 -39.38 -4.79
N LYS A 186 11.83 -38.03 -4.86
CA LYS A 186 12.73 -37.18 -4.08
C LYS A 186 11.89 -36.38 -3.08
N LYS A 187 12.13 -36.59 -1.79
CA LYS A 187 11.30 -35.98 -0.74
C LYS A 187 11.48 -34.46 -0.64
N VAL A 188 10.42 -33.79 -0.17
CA VAL A 188 10.40 -32.32 0.00
C VAL A 188 9.54 -31.95 1.22
N ASP A 189 9.82 -30.79 1.80
CA ASP A 189 9.03 -30.25 2.92
C ASP A 189 8.02 -29.22 2.39
N VAL A 190 6.74 -29.41 2.77
CA VAL A 190 5.65 -28.54 2.32
C VAL A 190 4.94 -27.87 3.50
N TRP A 191 4.48 -26.63 3.27
CA TRP A 191 3.61 -25.90 4.22
C TRP A 191 2.43 -25.36 3.42
N LEU A 192 1.27 -26.01 3.58
CA LEU A 192 0.06 -25.67 2.83
C LEU A 192 -1.04 -25.03 3.71
N GLY A 193 -1.54 -23.89 3.26
CA GLY A 193 -2.60 -23.15 3.96
C GLY A 193 -2.10 -22.23 5.06
N ILE A 194 -1.06 -21.45 4.77
CA ILE A 194 -0.50 -20.48 5.72
C ILE A 194 -1.35 -19.22 5.70
N PRO A 195 -1.97 -18.83 6.84
CA PRO A 195 -2.76 -17.58 6.84
C PRO A 195 -1.89 -16.32 6.81
N TYR A 196 -1.94 -15.60 5.68
CA TYR A 196 -1.19 -14.36 5.48
C TYR A 196 -2.03 -13.08 5.68
N ALA A 197 -3.34 -13.24 5.85
CA ALA A 197 -4.26 -12.10 5.98
C ALA A 197 -5.56 -12.46 6.69
N GLN A 198 -6.27 -11.43 7.15
CA GLN A 198 -7.60 -11.59 7.77
C GLN A 198 -8.61 -12.08 6.74
N PRO A 199 -9.50 -13.03 7.14
CA PRO A 199 -10.53 -13.45 6.19
C PRO A 199 -11.45 -12.28 5.83
N PRO A 200 -11.51 -11.89 4.55
CA PRO A 200 -12.27 -10.71 4.14
C PRO A 200 -13.77 -10.99 4.10
N VAL A 201 -14.38 -11.04 5.29
CA VAL A 201 -15.76 -11.48 5.47
C VAL A 201 -16.56 -10.40 6.18
N GLY A 202 -17.85 -10.32 5.84
CA GLY A 202 -18.77 -9.36 6.43
C GLY A 202 -18.54 -7.98 5.84
N PRO A 203 -18.13 -6.99 6.67
CA PRO A 203 -17.87 -5.65 6.16
C PRO A 203 -16.57 -5.53 5.36
N LEU A 204 -15.62 -6.44 5.62
CA LEU A 204 -14.33 -6.48 4.92
C LEU A 204 -14.40 -6.92 3.44
N ARG A 205 -15.53 -7.48 3.01
CA ARG A 205 -15.74 -7.83 1.59
C ARG A 205 -15.60 -6.61 0.69
N PHE A 206 -14.98 -6.84 -0.48
CA PHE A 206 -14.63 -5.81 -1.47
C PHE A 206 -13.43 -4.91 -1.09
N ARG A 207 -13.11 -4.82 0.20
CA ARG A 207 -12.06 -3.92 0.68
C ARG A 207 -10.70 -4.58 0.55
N HIS A 208 -9.65 -3.78 0.75
CA HIS A 208 -8.28 -4.30 0.72
C HIS A 208 -8.04 -5.12 1.99
N PRO A 209 -7.17 -6.14 1.93
CA PRO A 209 -7.00 -7.06 3.05
C PRO A 209 -6.30 -6.47 4.26
N ARG A 210 -6.57 -7.04 5.42
CA ARG A 210 -5.89 -6.70 6.67
C ARG A 210 -4.92 -7.85 7.00
N PRO A 211 -3.77 -7.55 7.64
CA PRO A 211 -2.90 -8.67 8.02
C PRO A 211 -3.54 -9.56 9.08
N ALA A 212 -3.23 -10.85 9.03
CA ALA A 212 -3.87 -11.86 9.87
C ALA A 212 -3.58 -11.62 11.36
N GLU A 213 -4.59 -11.83 12.21
CA GLU A 213 -4.41 -11.73 13.65
C GLU A 213 -3.44 -12.82 14.09
N LYS A 214 -2.50 -12.47 14.97
CA LYS A 214 -1.50 -13.42 15.44
C LYS A 214 -2.16 -14.51 16.29
N TRP A 215 -1.64 -15.73 16.18
CA TRP A 215 -2.22 -16.89 16.87
C TRP A 215 -1.30 -17.43 17.96
N THR A 216 -1.91 -18.17 18.89
CA THR A 216 -1.23 -18.70 20.08
C THR A 216 -1.19 -20.24 20.01
N GLY A 217 0.02 -20.79 19.92
CA GLY A 217 0.24 -22.23 19.74
C GLY A 217 0.82 -22.57 18.38
N VAL A 218 0.66 -23.82 17.97
CA VAL A 218 1.20 -24.34 16.69
C VAL A 218 0.05 -24.80 15.77
N LEU A 219 -0.10 -24.12 14.64
CA LEU A 219 -1.11 -24.45 13.61
C LEU A 219 -0.53 -25.38 12.55
N ASN A 220 -1.24 -26.45 12.22
CA ASN A 220 -0.77 -27.42 11.23
C ASN A 220 -1.10 -26.97 9.80
N THR A 221 -0.05 -26.64 9.05
CA THR A 221 -0.17 -26.27 7.63
C THR A 221 0.18 -27.50 6.79
N THR A 222 -0.74 -28.47 6.81
CA THR A 222 -0.57 -29.76 6.12
C THR A 222 -1.59 -30.01 5.01
N THR A 223 -2.57 -29.13 4.87
CA THR A 223 -3.72 -29.34 3.98
C THR A 223 -3.82 -28.19 2.98
N PRO A 224 -4.14 -28.50 1.71
CA PRO A 224 -4.35 -27.41 0.74
C PRO A 224 -5.55 -26.53 1.11
N PRO A 225 -5.39 -25.20 1.07
CA PRO A 225 -6.43 -24.30 1.56
C PRO A 225 -7.68 -24.23 0.69
N ASN A 226 -8.70 -23.57 1.24
CA ASN A 226 -9.95 -23.30 0.52
C ASN A 226 -9.67 -22.38 -0.66
N SER A 227 -10.33 -22.63 -1.78
CA SER A 227 -10.25 -21.73 -2.93
C SER A 227 -11.28 -20.61 -2.80
N CYS A 228 -11.02 -19.47 -3.43
CA CYS A 228 -11.93 -18.31 -3.40
C CYS A 228 -13.22 -18.60 -4.15
N VAL A 229 -14.29 -17.94 -3.73
CA VAL A 229 -15.60 -18.11 -4.37
C VAL A 229 -15.50 -17.72 -5.84
N GLN A 230 -15.90 -18.63 -6.71
CA GLN A 230 -15.80 -18.45 -8.15
C GLN A 230 -16.81 -19.36 -8.84
N ILE A 231 -17.14 -19.01 -10.09
CA ILE A 231 -18.03 -19.86 -10.88
C ILE A 231 -17.30 -21.15 -11.31
N VAL A 232 -18.06 -22.21 -11.51
CA VAL A 232 -17.52 -23.52 -11.93
C VAL A 232 -17.86 -23.79 -13.40
N ASP A 233 -16.84 -24.17 -14.15
CA ASP A 233 -16.95 -24.49 -15.57
C ASP A 233 -17.68 -25.84 -15.75
N THR A 234 -18.95 -25.77 -16.15
CA THR A 234 -19.79 -26.95 -16.42
C THR A 234 -20.34 -27.00 -17.86
N VAL A 235 -19.84 -26.15 -18.75
CA VAL A 235 -20.32 -26.12 -20.16
C VAL A 235 -20.04 -27.42 -20.94
N PHE A 236 -18.92 -28.07 -20.61
CA PHE A 236 -18.55 -29.36 -21.22
C PHE A 236 -18.64 -30.53 -20.22
N GLY A 237 -19.32 -30.29 -19.10
CA GLY A 237 -19.57 -31.32 -18.10
C GLY A 237 -18.33 -31.69 -17.31
N ASP A 238 -18.02 -32.99 -17.29
CA ASP A 238 -16.83 -33.51 -16.61
C ASP A 238 -15.72 -33.85 -17.61
N PHE A 239 -15.43 -32.87 -18.48
CA PHE A 239 -14.42 -33.02 -19.52
C PHE A 239 -13.05 -32.69 -18.91
N PRO A 240 -12.12 -33.67 -18.82
CA PRO A 240 -10.83 -33.50 -18.11
C PRO A 240 -10.00 -32.24 -18.45
N GLY A 241 -10.08 -31.77 -19.69
CA GLY A 241 -9.42 -30.53 -20.12
C GLY A 241 -10.05 -29.25 -19.57
N ALA A 242 -11.36 -29.28 -19.36
CA ALA A 242 -12.11 -28.17 -18.76
C ALA A 242 -12.08 -28.21 -17.23
N THR A 243 -12.20 -29.42 -16.67
CA THR A 243 -12.22 -29.63 -15.22
C THR A 243 -10.85 -29.50 -14.52
N MET A 244 -9.76 -29.57 -15.27
CA MET A 244 -8.41 -29.39 -14.68
C MET A 244 -8.15 -27.98 -14.13
N TRP A 245 -8.93 -27.00 -14.60
CA TRP A 245 -8.89 -25.62 -14.11
C TRP A 245 -9.95 -25.31 -13.04
N ASN A 246 -11.02 -26.10 -13.01
CA ASN A 246 -12.04 -26.02 -11.97
C ASN A 246 -11.44 -26.26 -10.57
N PRO A 247 -11.98 -25.57 -9.54
CA PRO A 247 -11.37 -25.59 -8.21
C PRO A 247 -11.50 -26.94 -7.48
N ASN A 248 -10.40 -27.39 -6.88
CA ASN A 248 -10.32 -28.71 -6.21
C ASN A 248 -10.27 -28.64 -4.68
N THR A 249 -10.75 -27.54 -4.12
CA THR A 249 -10.91 -27.36 -2.66
C THR A 249 -12.21 -26.57 -2.44
N PRO A 250 -12.86 -26.72 -1.27
CA PRO A 250 -14.14 -26.03 -1.03
C PRO A 250 -14.10 -24.52 -1.28
N LEU A 251 -15.15 -23.98 -1.93
CA LEU A 251 -15.26 -22.56 -2.21
C LEU A 251 -15.64 -21.80 -0.94
N SER A 252 -14.81 -20.82 -0.58
CA SER A 252 -15.00 -20.04 0.64
C SER A 252 -14.44 -18.63 0.47
N GLU A 253 -15.10 -17.65 1.11
CA GLU A 253 -14.57 -16.28 1.17
C GLU A 253 -13.26 -16.23 1.95
N ASP A 254 -13.15 -17.04 2.99
CA ASP A 254 -11.88 -17.27 3.69
C ASP A 254 -10.98 -18.10 2.79
N CYS A 255 -10.36 -17.43 1.82
CA CYS A 255 -9.43 -18.07 0.88
C CYS A 255 -8.01 -17.48 0.88
N LEU A 256 -7.75 -16.45 1.68
CA LEU A 256 -6.46 -15.76 1.68
C LEU A 256 -5.42 -16.58 2.44
N TYR A 257 -4.74 -17.47 1.71
CA TYR A 257 -3.68 -18.33 2.25
C TYR A 257 -2.50 -18.44 1.29
N ILE A 258 -1.36 -18.89 1.84
CA ILE A 258 -0.11 -19.08 1.10
C ILE A 258 0.37 -20.52 1.29
N ASN A 259 0.99 -21.06 0.25
CA ASN A 259 1.60 -22.39 0.28
C ASN A 259 3.08 -22.28 -0.07
N VAL A 260 3.93 -22.86 0.77
CA VAL A 260 5.39 -22.87 0.57
C VAL A 260 5.86 -24.32 0.47
N VAL A 261 6.72 -24.60 -0.51
CA VAL A 261 7.29 -25.94 -0.72
C VAL A 261 8.80 -25.81 -0.94
N ALA A 262 9.57 -26.40 -0.03
CA ALA A 262 11.04 -26.34 -0.03
C ALA A 262 11.66 -27.72 -0.31
N PRO A 263 12.81 -27.76 -1.03
CA PRO A 263 13.46 -29.05 -1.30
C PRO A 263 14.23 -29.62 -0.10
N ARG A 264 14.57 -30.91 -0.19
CA ARG A 264 15.30 -31.64 0.85
C ARG A 264 16.65 -32.11 0.28
N PRO A 265 17.79 -31.85 0.95
CA PRO A 265 17.87 -31.14 2.23
C PRO A 265 17.51 -29.67 2.12
N ARG A 266 17.09 -29.07 3.23
CA ARG A 266 16.61 -27.70 3.22
C ARG A 266 17.76 -26.74 2.91
N PRO A 267 17.60 -25.92 1.86
CA PRO A 267 18.65 -24.96 1.53
C PRO A 267 18.72 -23.78 2.52
N LYS A 268 19.61 -22.86 2.19
CA LYS A 268 20.03 -21.74 3.06
C LYS A 268 19.38 -20.42 2.63
N ASN A 269 19.78 -19.96 1.45
CA ASN A 269 19.33 -18.73 0.82
C ASN A 269 19.06 -19.04 -0.67
N ALA A 270 18.13 -19.97 -0.89
CA ALA A 270 17.82 -20.41 -2.26
C ALA A 270 16.95 -19.40 -2.96
N ALA A 271 16.96 -19.45 -4.29
CA ALA A 271 16.10 -18.62 -5.13
C ALA A 271 14.63 -18.98 -4.87
N VAL A 272 13.78 -17.96 -4.73
CA VAL A 272 12.35 -18.15 -4.51
C VAL A 272 11.59 -17.88 -5.81
N MET A 273 10.89 -18.90 -6.31
CA MET A 273 9.96 -18.77 -7.44
C MET A 273 8.53 -18.70 -6.91
N LEU A 274 7.86 -17.58 -7.16
CA LEU A 274 6.53 -17.31 -6.61
C LEU A 274 5.45 -17.36 -7.70
N TRP A 275 4.56 -18.35 -7.59
CA TRP A 275 3.49 -18.57 -8.58
C TRP A 275 2.23 -17.78 -8.24
N ILE A 276 1.77 -16.97 -9.19
CA ILE A 276 0.48 -16.29 -9.12
C ILE A 276 -0.37 -16.89 -10.24
N PHE A 277 -1.51 -17.49 -9.86
CA PHE A 277 -2.36 -18.19 -10.83
C PHE A 277 -3.13 -17.24 -11.74
N GLY A 278 -3.71 -17.82 -12.78
CA GLY A 278 -4.55 -17.10 -13.74
C GLY A 278 -5.92 -17.73 -13.90
N GLY A 279 -6.92 -16.88 -14.12
CA GLY A 279 -8.25 -17.31 -14.54
C GLY A 279 -9.11 -16.16 -15.03
N GLY A 280 -8.53 -15.26 -15.82
CA GLY A 280 -9.18 -14.04 -16.28
C GLY A 280 -9.71 -13.12 -15.20
N PHE A 281 -9.08 -13.18 -14.02
CA PHE A 281 -9.56 -12.53 -12.78
C PHE A 281 -11.03 -12.86 -12.44
N TYR A 282 -11.48 -14.07 -12.76
CA TYR A 282 -12.80 -14.59 -12.32
C TYR A 282 -12.76 -16.01 -11.70
N SER A 283 -11.61 -16.66 -11.74
CA SER A 283 -11.49 -18.08 -11.39
C SER A 283 -10.02 -18.43 -11.15
N GLY A 284 -9.81 -19.68 -10.78
CA GLY A 284 -8.46 -20.22 -10.56
C GLY A 284 -8.13 -20.32 -9.09
N THR A 285 -7.10 -21.10 -8.80
CA THR A 285 -6.62 -21.32 -7.44
C THR A 285 -5.24 -21.96 -7.45
N ALA A 286 -4.43 -21.64 -6.44
CA ALA A 286 -3.11 -22.23 -6.27
C ALA A 286 -3.09 -23.75 -5.98
N THR A 287 -4.19 -24.27 -5.45
CA THR A 287 -4.29 -25.67 -5.04
C THR A 287 -4.53 -26.72 -6.15
N LEU A 288 -4.69 -26.26 -7.39
CA LEU A 288 -4.80 -27.18 -8.55
C LEU A 288 -3.58 -28.09 -8.67
N ASP A 289 -3.82 -29.30 -9.17
CA ASP A 289 -2.75 -30.29 -9.37
C ASP A 289 -1.80 -29.94 -10.51
N VAL A 290 -2.26 -29.14 -11.49
CA VAL A 290 -1.37 -28.60 -12.54
C VAL A 290 -0.26 -27.69 -12.00
N TYR A 291 -0.53 -27.01 -10.88
CA TYR A 291 0.46 -26.15 -10.22
C TYR A 291 1.21 -26.86 -9.08
N ASP A 292 1.50 -28.15 -9.22
CA ASP A 292 2.17 -28.89 -8.14
C ASP A 292 3.63 -28.44 -8.04
N HIS A 293 4.04 -28.08 -6.83
CA HIS A 293 5.34 -27.46 -6.58
C HIS A 293 6.48 -28.47 -6.38
N ARG A 294 6.14 -29.71 -6.07
CA ARG A 294 7.12 -30.71 -5.61
C ARG A 294 8.19 -31.02 -6.67
N ALA A 295 7.79 -31.01 -7.94
CA ALA A 295 8.69 -31.26 -9.06
C ALA A 295 9.65 -30.10 -9.27
N LEU A 296 9.10 -28.90 -9.40
CA LEU A 296 9.87 -27.68 -9.63
C LEU A 296 10.83 -27.35 -8.48
N ALA A 297 10.42 -27.67 -7.25
CA ALA A 297 11.25 -27.46 -6.06
C ALA A 297 12.43 -28.43 -6.00
N SER A 298 12.12 -29.72 -6.08
CA SER A 298 13.12 -30.78 -5.92
C SER A 298 14.11 -30.87 -7.08
N GLU A 299 13.60 -30.81 -8.31
CA GLU A 299 14.42 -30.97 -9.51
C GLU A 299 15.36 -29.79 -9.79
N GLU A 300 14.96 -28.59 -9.38
CA GLU A 300 15.70 -27.35 -9.67
C GLU A 300 16.34 -26.63 -8.46
N ASN A 301 16.07 -27.12 -7.24
CA ASN A 301 16.60 -26.53 -5.99
C ASN A 301 16.18 -25.06 -5.82
N VAL A 302 14.86 -24.85 -5.74
CA VAL A 302 14.27 -23.54 -5.46
C VAL A 302 13.11 -23.66 -4.49
N ILE A 303 12.86 -22.59 -3.75
CA ILE A 303 11.69 -22.50 -2.87
C ILE A 303 10.52 -22.08 -3.75
N VAL A 304 9.65 -23.03 -4.07
CA VAL A 304 8.45 -22.73 -4.85
C VAL A 304 7.35 -22.27 -3.88
N VAL A 305 6.80 -21.09 -4.15
CA VAL A 305 5.73 -20.48 -3.35
C VAL A 305 4.52 -20.25 -4.25
N SER A 306 3.33 -20.29 -3.65
CA SER A 306 2.09 -19.93 -4.36
C SER A 306 1.11 -19.28 -3.39
N LEU A 307 0.20 -18.49 -3.94
CA LEU A 307 -0.76 -17.72 -3.14
C LEU A 307 -2.15 -17.75 -3.74
N GLN A 308 -3.14 -17.57 -2.86
CA GLN A 308 -4.52 -17.33 -3.26
C GLN A 308 -4.77 -15.84 -3.18
N TYR A 309 -5.45 -15.30 -4.19
CA TYR A 309 -5.96 -13.93 -4.16
C TYR A 309 -7.45 -13.94 -4.54
N ARG A 310 -8.19 -12.97 -4.03
CA ARG A 310 -9.62 -12.85 -4.34
C ARG A 310 -9.83 -12.57 -5.82
N VAL A 311 -10.81 -13.26 -6.40
CA VAL A 311 -11.09 -13.22 -7.83
C VAL A 311 -12.53 -12.76 -8.06
N ALA A 312 -12.82 -12.44 -9.32
CA ALA A 312 -14.15 -12.00 -9.76
C ALA A 312 -14.56 -10.66 -9.09
N SER A 313 -15.86 -10.41 -8.95
CA SER A 313 -16.37 -9.20 -8.31
C SER A 313 -15.94 -9.09 -6.86
N LEU A 314 -15.77 -10.23 -6.19
CA LEU A 314 -15.31 -10.26 -4.81
C LEU A 314 -13.90 -9.67 -4.59
N GLY A 315 -13.06 -9.71 -5.63
CA GLY A 315 -11.72 -9.08 -5.57
C GLY A 315 -11.49 -7.85 -6.43
N PHE A 316 -12.46 -7.50 -7.29
CA PHE A 316 -12.29 -6.40 -8.26
C PHE A 316 -13.55 -5.55 -8.51
N LEU A 317 -14.45 -5.46 -7.53
CA LEU A 317 -15.62 -4.57 -7.61
C LEU A 317 -15.13 -3.14 -7.45
N PHE A 318 -15.68 -2.23 -8.25
CA PHE A 318 -15.29 -0.81 -8.22
C PHE A 318 -16.52 0.08 -8.32
N LEU A 319 -16.61 1.05 -7.41
CA LEU A 319 -17.62 2.12 -7.47
C LEU A 319 -17.06 3.54 -7.29
N GLY A 320 -15.73 3.67 -7.23
CA GLY A 320 -15.08 4.94 -6.94
C GLY A 320 -15.36 5.46 -5.53
N THR A 321 -15.53 4.53 -4.59
CA THR A 321 -15.77 4.85 -3.18
C THR A 321 -14.75 4.10 -2.31
N PRO A 322 -14.56 4.54 -1.04
CA PRO A 322 -13.68 3.81 -0.11
C PRO A 322 -14.12 2.35 0.14
N GLU A 323 -15.42 2.12 0.26
CA GLU A 323 -15.95 0.79 0.58
C GLU A 323 -15.93 -0.22 -0.58
N ALA A 324 -15.75 0.29 -1.80
CA ALA A 324 -15.45 -0.55 -2.97
C ALA A 324 -14.33 0.13 -3.79
N PRO A 325 -13.09 0.15 -3.24
CA PRO A 325 -11.99 0.93 -3.81
C PRO A 325 -11.35 0.35 -5.07
N GLY A 326 -11.62 -0.94 -5.35
CA GLY A 326 -11.06 -1.63 -6.50
C GLY A 326 -9.69 -2.22 -6.21
N ASN A 327 -9.28 -3.14 -7.07
CA ASN A 327 -7.98 -3.82 -7.00
C ASN A 327 -7.72 -4.62 -5.72
N ALA A 328 -8.77 -5.06 -5.04
CA ALA A 328 -8.62 -5.80 -3.78
C ALA A 328 -7.89 -7.13 -3.97
N GLY A 329 -8.06 -7.72 -5.15
CA GLY A 329 -7.32 -8.92 -5.53
C GLY A 329 -5.83 -8.70 -5.70
N LEU A 330 -5.45 -7.52 -6.21
CA LEU A 330 -4.05 -7.14 -6.35
C LEU A 330 -3.38 -6.81 -5.01
N PHE A 331 -4.11 -6.15 -4.12
CA PHE A 331 -3.63 -5.89 -2.76
C PHE A 331 -3.50 -7.18 -1.94
N ASP A 332 -4.34 -8.18 -2.26
CA ASP A 332 -4.17 -9.53 -1.72
C ASP A 332 -2.82 -10.12 -2.14
N GLN A 333 -2.50 -10.00 -3.42
CA GLN A 333 -1.21 -10.45 -3.94
C GLN A 333 -0.08 -9.67 -3.30
N ASN A 334 -0.27 -8.35 -3.15
CA ASN A 334 0.73 -7.45 -2.57
C ASN A 334 1.07 -7.80 -1.12
N LEU A 335 0.05 -8.04 -0.31
CA LEU A 335 0.22 -8.41 1.10
C LEU A 335 0.94 -9.75 1.26
N ALA A 336 0.71 -10.67 0.32
CA ALA A 336 1.44 -11.93 0.25
C ALA A 336 2.91 -11.74 -0.12
N LEU A 337 3.20 -10.81 -1.04
CA LEU A 337 4.58 -10.46 -1.40
C LEU A 337 5.35 -9.90 -0.19
N ARG A 338 4.66 -9.07 0.60
CA ARG A 338 5.19 -8.57 1.88
C ARG A 338 5.49 -9.70 2.86
N TRP A 339 4.57 -10.65 2.96
CA TRP A 339 4.73 -11.83 3.83
C TRP A 339 5.97 -12.65 3.46
N VAL A 340 6.14 -12.90 2.17
CA VAL A 340 7.29 -13.66 1.66
C VAL A 340 8.60 -12.96 2.03
N ARG A 341 8.65 -11.64 1.84
CA ARG A 341 9.82 -10.83 2.23
C ARG A 341 10.16 -10.97 3.72
N ASP A 342 9.12 -10.94 4.56
CA ASP A 342 9.28 -11.07 6.02
C ASP A 342 9.67 -12.48 6.50
N ASN A 343 9.15 -13.51 5.84
CA ASN A 343 9.17 -14.89 6.36
C ASN A 343 9.86 -15.99 5.53
N ILE A 344 10.04 -15.80 4.23
CA ILE A 344 10.55 -16.89 3.35
C ILE A 344 12.00 -17.32 3.64
N HIS A 345 12.79 -16.45 4.27
CA HIS A 345 14.14 -16.81 4.73
C HIS A 345 14.16 -17.95 5.76
N ARG A 346 13.12 -18.00 6.58
CA ARG A 346 12.96 -19.06 7.61
C ARG A 346 12.75 -20.46 7.02
N PHE A 347 12.17 -20.50 5.81
CA PHE A 347 11.91 -21.75 5.06
C PHE A 347 13.07 -22.19 4.16
N GLY A 348 14.17 -21.43 4.14
CA GLY A 348 15.34 -21.71 3.31
C GLY A 348 15.53 -20.81 2.09
N GLY A 349 14.68 -19.80 1.96
CA GLY A 349 14.72 -18.88 0.82
C GLY A 349 15.62 -17.67 1.03
N ASP A 350 15.77 -16.89 -0.05
CA ASP A 350 16.43 -15.58 -0.03
C ASP A 350 15.36 -14.53 -0.36
N PRO A 351 15.11 -13.57 0.55
CA PRO A 351 14.16 -12.49 0.25
C PRO A 351 14.55 -11.61 -0.95
N SER A 352 15.85 -11.41 -1.15
CA SER A 352 16.36 -10.59 -2.23
C SER A 352 16.34 -11.27 -3.62
N ARG A 353 16.06 -12.58 -3.66
CA ARG A 353 15.98 -13.34 -4.93
C ARG A 353 14.58 -13.95 -5.16
N VAL A 354 13.54 -13.14 -4.97
CA VAL A 354 12.16 -13.55 -5.24
C VAL A 354 11.83 -13.27 -6.70
N THR A 355 11.55 -14.34 -7.44
CA THR A 355 11.13 -14.26 -8.84
C THR A 355 9.63 -14.53 -8.93
N LEU A 356 8.88 -13.58 -9.47
CA LEU A 356 7.44 -13.74 -9.66
C LEU A 356 7.17 -14.37 -11.03
N PHE A 357 6.43 -15.46 -11.06
CA PHE A 357 6.06 -16.13 -12.31
C PHE A 357 4.58 -16.51 -12.34
N GLY A 358 3.93 -16.25 -13.48
CA GLY A 358 2.49 -16.43 -13.63
C GLY A 358 2.10 -16.64 -15.08
N GLU A 359 0.86 -17.08 -15.28
CA GLU A 359 0.29 -17.32 -16.61
C GLU A 359 -1.06 -16.63 -16.73
N ALA A 361 -3.89 -14.05 -16.59
CA ALA A 361 -4.10 -13.04 -15.55
C ALA A 361 -3.03 -13.03 -14.44
N GLY A 362 -2.44 -14.19 -14.18
CA GLY A 362 -1.28 -14.30 -13.30
C GLY A 362 -0.04 -13.60 -13.84
N ALA A 363 0.17 -13.72 -15.16
CA ALA A 363 1.23 -13.01 -15.88
C ALA A 363 0.93 -11.50 -15.98
N VAL A 364 -0.34 -11.15 -16.17
CA VAL A 364 -0.78 -9.75 -16.11
C VAL A 364 -0.45 -9.20 -14.74
N SER A 365 -0.87 -9.93 -13.70
CA SER A 365 -0.58 -9.60 -12.30
C SER A 365 0.90 -9.34 -12.04
N VAL A 366 1.76 -10.22 -12.57
CA VAL A 366 3.22 -10.06 -12.49
C VAL A 366 3.67 -8.74 -13.12
N SER A 367 3.08 -8.38 -14.26
CA SER A 367 3.41 -7.13 -14.97
C SER A 367 2.98 -5.88 -14.23
N LEU A 368 1.83 -5.97 -13.56
CA LEU A 368 1.32 -4.87 -12.73
C LEU A 368 2.19 -4.67 -11.49
N HIS A 369 2.76 -5.76 -10.97
CA HIS A 369 3.72 -5.68 -9.85
C HIS A 369 5.03 -4.99 -10.24
N LEU A 370 5.48 -5.19 -11.48
CA LEU A 370 6.63 -4.46 -12.02
C LEU A 370 6.34 -2.96 -12.19
N LEU A 371 5.14 -2.63 -12.67
CA LEU A 371 4.69 -1.24 -12.80
C LEU A 371 4.41 -0.54 -11.47
N SER A 372 3.70 -1.24 -10.58
CA SER A 372 3.19 -0.66 -9.33
C SER A 372 4.31 -0.22 -8.39
N ALA A 373 4.02 0.82 -7.63
CA ALA A 373 4.94 1.39 -6.63
C ALA A 373 4.93 0.62 -5.32
N LEU A 374 3.75 0.16 -4.91
CA LEU A 374 3.58 -0.55 -3.63
C LEU A 374 4.27 -1.92 -3.59
N SER A 375 4.47 -2.53 -4.75
CA SER A 375 5.16 -3.82 -4.87
C SER A 375 6.52 -3.72 -5.59
N ARG A 376 7.02 -2.50 -5.78
CA ARG A 376 8.28 -2.27 -6.51
C ARG A 376 9.52 -2.76 -5.74
N ASP A 377 9.47 -2.75 -4.42
CA ASP A 377 10.60 -3.19 -3.57
C ASP A 377 10.37 -4.57 -2.88
N LEU A 378 9.43 -5.36 -3.40
CA LEU A 378 9.05 -6.65 -2.79
C LEU A 378 9.53 -7.91 -3.52
N PHE A 379 10.05 -7.77 -4.74
CA PHE A 379 10.59 -8.91 -5.50
C PHE A 379 11.82 -8.50 -6.33
N GLN A 380 12.38 -9.45 -7.08
CA GLN A 380 13.54 -9.19 -7.97
C GLN A 380 13.15 -9.29 -9.45
N ARG A 381 12.96 -10.52 -9.94
CA ARG A 381 12.78 -10.79 -11.37
C ARG A 381 11.33 -11.17 -11.67
N ALA A 382 11.02 -11.27 -12.97
CA ALA A 382 9.67 -11.60 -13.41
C ALA A 382 9.65 -12.54 -14.62
N ILE A 383 8.77 -13.54 -14.55
CA ILE A 383 8.42 -14.38 -15.70
C ILE A 383 6.95 -14.14 -16.03
N LEU A 384 6.63 -14.06 -17.32
CA LEU A 384 5.27 -13.73 -17.79
C LEU A 384 4.83 -14.63 -18.93
N GLN A 385 4.13 -15.70 -18.58
CA GLN A 385 3.64 -16.68 -19.55
C GLN A 385 2.32 -16.24 -20.19
N SER A 386 2.37 -15.81 -21.45
CA SER A 386 1.18 -15.43 -22.23
C SER A 386 0.30 -14.38 -21.53
N GLY A 387 0.90 -13.26 -21.19
CA GLY A 387 0.18 -12.14 -20.58
C GLY A 387 1.01 -10.88 -20.40
N SER A 388 0.33 -9.74 -20.34
CA SER A 388 0.97 -8.44 -20.16
C SER A 388 -0.06 -7.37 -19.73
N PRO A 389 0.40 -6.24 -19.15
CA PRO A 389 -0.55 -5.26 -18.58
C PRO A 389 -1.25 -4.37 -19.61
N THR A 390 -0.83 -4.45 -20.86
CA THR A 390 -1.37 -3.63 -21.95
C THR A 390 -2.44 -4.39 -22.75
N ALA A 391 -2.86 -5.56 -22.26
CA ALA A 391 -3.91 -6.35 -22.90
C ALA A 391 -5.26 -5.63 -22.81
N PRO A 392 -6.12 -5.77 -23.84
CA PRO A 392 -7.45 -5.11 -23.82
C PRO A 392 -8.32 -5.46 -22.61
N TRP A 393 -8.27 -6.73 -22.19
CA TRP A 393 -9.08 -7.27 -21.10
C TRP A 393 -8.45 -7.12 -19.71
N ALA A 394 -7.13 -6.92 -19.67
CA ALA A 394 -6.37 -6.85 -18.41
C ALA A 394 -6.89 -5.79 -17.43
N LEU A 395 -7.19 -4.61 -17.97
CA LEU A 395 -7.76 -3.51 -17.20
C LEU A 395 -9.11 -3.06 -17.76
N VAL A 396 -9.80 -2.28 -16.94
CA VAL A 396 -11.06 -1.65 -17.31
C VAL A 396 -11.04 -0.23 -16.74
N SER A 397 -11.74 0.68 -17.40
CA SER A 397 -11.79 2.08 -16.97
C SER A 397 -12.61 2.24 -15.69
N ARG A 398 -12.33 3.31 -14.95
CA ARG A 398 -13.12 3.71 -13.78
C ARG A 398 -14.58 4.00 -14.13
N GLU A 399 -14.81 4.54 -15.33
CA GLU A 399 -16.16 4.88 -15.81
C GLU A 399 -17.00 3.63 -16.08
N GLU A 400 -16.38 2.64 -16.73
CA GLU A 400 -17.04 1.35 -17.02
C GLU A 400 -17.12 0.46 -15.77
N ALA A 401 -16.08 0.47 -14.95
CA ALA A 401 -16.02 -0.32 -13.71
C ALA A 401 -17.10 0.07 -12.69
N THR A 402 -17.37 1.37 -12.58
CA THR A 402 -18.48 1.89 -11.77
C THR A 402 -19.83 1.37 -12.24
N LEU A 403 -20.05 1.40 -13.55
CA LEU A 403 -21.33 0.98 -14.17
C LEU A 403 -21.60 -0.52 -14.03
N ARG A 404 -20.57 -1.34 -14.12
CA ARG A 404 -20.69 -2.81 -13.99
C ARG A 404 -21.03 -3.25 -12.56
N ALA A 405 -20.48 -2.55 -11.58
CA ALA A 405 -20.84 -2.78 -10.18
C ALA A 405 -22.31 -2.47 -9.92
N LEU A 406 -22.81 -1.40 -10.55
CA LEU A 406 -24.23 -1.03 -10.50
C LEU A 406 -25.10 -2.06 -11.24
N ARG A 407 -24.61 -2.57 -12.38
CA ARG A 407 -25.27 -3.67 -13.10
C ARG A 407 -25.38 -4.93 -12.23
N LEU A 408 -24.28 -5.25 -11.54
CA LEU A 408 -24.26 -6.40 -10.63
C LEU A 408 -25.30 -6.24 -9.53
N ALA A 409 -25.30 -5.09 -8.88
CA ALA A 409 -26.30 -4.74 -7.88
C ALA A 409 -27.74 -4.84 -8.44
N GLU A 410 -27.93 -4.31 -9.65
CA GLU A 410 -29.23 -4.39 -10.33
C GLU A 410 -29.68 -5.83 -10.60
N ALA A 411 -28.77 -6.64 -11.13
CA ALA A 411 -29.03 -8.05 -11.43
C ALA A 411 -29.26 -8.94 -10.18
N VAL A 412 -28.54 -8.64 -9.10
CA VAL A 412 -28.67 -9.39 -7.84
C VAL A 412 -29.92 -8.98 -7.04
N GLY A 413 -30.42 -7.77 -7.29
CA GLY A 413 -31.65 -7.26 -6.66
C GLY A 413 -31.33 -6.28 -5.54
N CYS A 414 -30.51 -5.27 -5.87
CA CYS A 414 -29.99 -4.30 -4.92
C CYS A 414 -30.24 -2.87 -5.44
N PRO A 415 -30.13 -1.86 -4.55
CA PRO A 415 -30.18 -0.48 -5.03
C PRO A 415 -28.99 -0.14 -5.93
N HIS A 416 -29.29 0.38 -7.12
CA HIS A 416 -28.31 0.47 -8.21
C HIS A 416 -28.32 1.84 -8.90
N GLU A 417 -28.14 2.87 -8.08
CA GLU A 417 -28.09 4.26 -8.54
C GLU A 417 -26.72 4.87 -8.23
N PRO A 418 -26.08 5.57 -9.21
CA PRO A 418 -24.78 6.22 -8.96
C PRO A 418 -24.84 7.45 -8.03
N SER A 419 -26.03 7.97 -7.78
CA SER A 419 -26.25 9.06 -6.83
C SER A 419 -25.91 8.66 -5.40
N LYS A 420 -26.51 7.56 -4.94
CA LYS A 420 -26.29 7.04 -3.58
C LYS A 420 -25.64 5.64 -3.58
N LEU A 421 -24.31 5.64 -3.49
CA LEU A 421 -23.48 4.42 -3.67
C LEU A 421 -23.21 3.62 -2.40
N SER A 422 -23.54 4.18 -1.24
CA SER A 422 -23.46 3.44 0.03
C SER A 422 -24.46 2.28 0.09
N ASP A 423 -25.68 2.54 -0.38
CA ASP A 423 -26.78 1.54 -0.36
C ASP A 423 -26.48 0.29 -1.18
N ALA A 424 -25.77 0.45 -2.29
CA ALA A 424 -25.39 -0.64 -3.18
C ALA A 424 -24.41 -1.61 -2.55
N VAL A 425 -23.31 -1.07 -2.02
CA VAL A 425 -22.25 -1.88 -1.41
C VAL A 425 -22.74 -2.62 -0.17
N GLU A 426 -23.51 -1.91 0.67
CA GLU A 426 -24.07 -2.47 1.91
C GLU A 426 -24.81 -3.79 1.71
N CYS A 427 -25.76 -3.80 0.78
CA CYS A 427 -26.52 -5.02 0.45
C CYS A 427 -25.67 -6.04 -0.31
N LEU A 428 -24.83 -5.56 -1.25
CA LEU A 428 -23.84 -6.41 -1.94
C LEU A 428 -22.96 -7.22 -0.98
N ARG A 429 -22.52 -6.58 0.11
CA ARG A 429 -21.82 -7.26 1.20
C ARG A 429 -22.74 -8.24 1.95
N GLY A 430 -24.01 -7.88 2.05
CA GLY A 430 -25.04 -8.73 2.63
C GLY A 430 -25.48 -9.94 1.82
N LYS A 431 -25.28 -9.89 0.50
CA LYS A 431 -25.69 -11.01 -0.38
C LYS A 431 -24.76 -12.22 -0.24
N ASP A 432 -25.26 -13.36 -0.73
CA ASP A 432 -24.50 -14.61 -0.75
C ASP A 432 -23.41 -14.46 -1.83
N PRO A 433 -22.16 -14.87 -1.54
CA PRO A 433 -21.10 -14.67 -2.52
C PRO A 433 -21.26 -15.48 -3.82
N HIS A 434 -21.90 -16.65 -3.73
CA HIS A 434 -22.13 -17.50 -4.90
C HIS A 434 -23.14 -16.92 -5.89
N VAL A 435 -24.22 -16.31 -5.40
CA VAL A 435 -25.21 -15.65 -6.30
C VAL A 435 -24.63 -14.37 -6.91
N LEU A 436 -23.71 -13.74 -6.18
CA LEU A 436 -22.98 -12.56 -6.65
C LEU A 436 -22.14 -12.88 -7.90
N VAL A 437 -21.29 -13.89 -7.80
CA VAL A 437 -20.45 -14.31 -8.95
C VAL A 437 -21.24 -14.89 -10.14
N ASN A 438 -22.34 -15.58 -9.87
CA ASN A 438 -23.18 -16.19 -10.92
C ASN A 438 -23.91 -15.17 -11.81
N ASN A 439 -24.17 -13.98 -11.27
CA ASN A 439 -24.87 -12.90 -12.01
C ASN A 439 -23.94 -11.78 -12.51
N GLU A 440 -22.69 -12.11 -12.80
CA GLU A 440 -21.70 -11.17 -13.34
C GLU A 440 -21.75 -11.07 -14.86
N TRP A 441 -21.99 -12.21 -15.51
CA TRP A 441 -21.86 -12.34 -16.96
C TRP A 441 -23.15 -11.97 -17.68
N GLY A 442 -23.14 -10.81 -18.33
CA GLY A 442 -24.28 -10.30 -19.11
C GLY A 442 -24.02 -10.37 -20.60
N THR A 443 -24.03 -9.21 -21.26
CA THR A 443 -23.67 -9.09 -22.68
C THR A 443 -22.25 -8.55 -22.80
N LEU A 444 -21.30 -9.47 -22.99
CA LEU A 444 -19.88 -9.14 -23.19
C LEU A 444 -19.35 -9.88 -24.42
N GLY A 445 -18.46 -9.22 -25.15
CA GLY A 445 -17.77 -9.81 -26.30
C GLY A 445 -16.71 -10.83 -25.92
N ILE A 446 -15.94 -11.27 -26.91
CA ILE A 446 -14.88 -12.27 -26.69
C ILE A 446 -13.69 -11.66 -25.93
N CYS A 447 -13.18 -12.43 -24.98
CA CYS A 447 -12.05 -12.03 -24.14
C CYS A 447 -12.22 -10.64 -23.54
N GLU A 448 -13.34 -10.44 -22.84
CA GLU A 448 -13.51 -9.31 -21.92
C GLU A 448 -14.29 -9.77 -20.70
N PHE A 449 -13.74 -9.46 -19.53
CA PHE A 449 -14.22 -10.01 -18.26
C PHE A 449 -14.78 -8.90 -17.38
N PRO A 450 -15.92 -9.17 -16.71
CA PRO A 450 -16.73 -8.12 -16.07
C PRO A 450 -16.05 -7.35 -14.95
N PHE A 451 -15.22 -8.04 -14.17
CA PHE A 451 -14.52 -7.44 -13.02
C PHE A 451 -13.04 -7.83 -12.99
N VAL A 452 -12.20 -6.85 -13.37
CA VAL A 452 -10.75 -7.01 -13.54
C VAL A 452 -10.09 -5.80 -12.86
N PRO A 453 -8.73 -5.78 -12.81
CA PRO A 453 -8.03 -4.61 -12.28
C PRO A 453 -8.41 -3.25 -12.90
N VAL A 454 -8.14 -2.19 -12.14
CA VAL A 454 -8.46 -0.82 -12.52
C VAL A 454 -7.40 0.15 -11.98
N VAL A 455 -7.18 1.23 -12.71
CA VAL A 455 -6.31 2.33 -12.25
C VAL A 455 -6.99 3.06 -11.07
N ASP A 456 -6.56 2.71 -9.86
CA ASP A 456 -7.22 3.15 -8.60
C ASP A 456 -6.63 4.42 -7.98
N GLY A 457 -5.31 4.56 -8.02
CA GLY A 457 -4.60 5.66 -7.36
C GLY A 457 -3.47 5.23 -6.43
N ALA A 458 -3.66 4.11 -5.74
CA ALA A 458 -2.69 3.60 -4.77
C ALA A 458 -1.78 2.54 -5.39
N PHE A 459 -2.38 1.46 -5.89
CA PHE A 459 -1.64 0.38 -6.54
C PHE A 459 -1.08 0.86 -7.88
N LEU A 460 -1.98 1.35 -8.74
CA LEU A 460 -1.60 2.04 -9.98
C LEU A 460 -2.20 3.45 -9.94
N ASP A 461 -1.41 4.45 -10.32
CA ASP A 461 -1.90 5.85 -10.46
C ASP A 461 -1.88 6.38 -11.91
N GLU A 462 -1.79 5.45 -12.87
CA GLU A 462 -1.83 5.78 -14.29
C GLU A 462 -2.09 4.49 -15.07
N THR A 463 -2.57 4.61 -16.31
CA THR A 463 -2.80 3.44 -17.15
C THR A 463 -1.44 2.83 -17.53
N PRO A 464 -1.38 1.48 -17.64
CA PRO A 464 -0.09 0.80 -17.89
C PRO A 464 0.64 1.22 -19.17
N GLN A 465 -0.11 1.73 -20.14
CA GLN A 465 0.47 2.30 -21.35
C GLN A 465 1.34 3.53 -21.07
N ARG A 466 0.86 4.42 -20.20
CA ARG A 466 1.59 5.65 -19.86
C ARG A 466 2.85 5.33 -19.05
N SER A 467 2.75 4.35 -18.15
CA SER A 467 3.91 3.80 -17.44
C SER A 467 4.92 3.24 -18.43
N LEU A 468 4.43 2.45 -19.37
CA LEU A 468 5.28 1.82 -20.39
C LEU A 468 5.88 2.83 -21.36
N ALA A 469 5.09 3.81 -21.79
CA ALA A 469 5.55 4.86 -22.72
C ALA A 469 6.64 5.75 -22.10
N SER A 470 6.36 6.27 -20.90
CA SER A 470 7.32 7.07 -20.14
C SER A 470 8.55 6.29 -19.62
N GLY A 471 8.38 4.98 -19.43
CA GLY A 471 9.46 4.10 -18.93
C GLY A 471 9.47 3.86 -17.43
N ARG A 472 8.31 4.03 -16.79
CA ARG A 472 8.19 3.94 -15.33
C ARG A 472 7.83 2.52 -14.92
N PHE A 473 8.85 1.67 -14.87
CA PHE A 473 8.71 0.28 -14.42
C PHE A 473 10.01 -0.28 -13.85
N LYS A 474 9.91 -1.42 -13.19
CA LYS A 474 11.07 -2.00 -12.48
C LYS A 474 12.18 -2.39 -13.45
N LYS A 475 13.39 -1.91 -13.16
CA LYS A 475 14.56 -2.17 -13.98
C LYS A 475 15.15 -3.52 -13.61
N THR A 476 14.63 -4.56 -14.27
CA THR A 476 15.02 -5.95 -14.00
C THR A 476 14.86 -6.81 -15.25
N GLU A 477 15.35 -8.04 -15.18
CA GLU A 477 15.28 -8.97 -16.31
C GLU A 477 13.86 -9.51 -16.48
N ILE A 478 13.55 -9.93 -17.70
CA ILE A 478 12.23 -10.47 -18.06
C ILE A 478 12.42 -11.73 -18.88
N LEU A 479 11.59 -12.74 -18.60
CA LEU A 479 11.44 -13.92 -19.45
C LEU A 479 9.95 -14.04 -19.73
N THR A 480 9.57 -13.98 -21.01
CA THR A 480 8.16 -13.98 -21.38
C THR A 480 7.95 -14.75 -22.69
N GLY A 481 6.69 -14.96 -23.03
CA GLY A 481 6.34 -15.59 -24.30
C GLY A 481 4.88 -15.91 -24.50
N SER A 482 4.61 -16.44 -25.69
CA SER A 482 3.26 -16.83 -26.12
C SER A 482 3.26 -18.28 -26.62
N ASN A 483 2.06 -18.77 -26.90
CA ASN A 483 1.86 -20.05 -27.57
C ASN A 483 1.33 -19.78 -28.98
N THR A 484 1.39 -20.79 -29.83
CA THR A 484 0.97 -20.66 -31.23
C THR A 484 -0.54 -20.46 -31.42
N GLU A 485 -1.33 -21.20 -30.66
CA GLU A 485 -2.80 -21.13 -30.72
C GLU A 485 -3.39 -20.60 -29.42
N GLU A 486 -3.32 -19.29 -29.23
CA GLU A 486 -3.84 -18.65 -28.00
C GLU A 486 -5.37 -18.55 -28.01
N GLY A 487 -5.91 -18.14 -29.15
CA GLY A 487 -7.34 -17.82 -29.27
C GLY A 487 -8.34 -18.96 -29.09
N TYR A 488 -8.03 -20.12 -29.69
CA TYR A 488 -8.97 -21.27 -29.75
C TYR A 488 -9.74 -21.55 -28.47
N TYR A 489 -9.05 -21.56 -27.33
CA TYR A 489 -9.68 -21.83 -26.03
C TYR A 489 -10.85 -20.89 -25.76
N PHE A 490 -10.69 -19.62 -26.10
CA PHE A 490 -11.71 -18.59 -25.86
C PHE A 490 -12.79 -18.56 -26.93
N ILE A 491 -12.44 -18.98 -28.14
CA ILE A 491 -13.40 -19.14 -29.25
C ILE A 491 -14.11 -20.50 -29.19
N ILE A 492 -13.68 -21.39 -28.29
CA ILE A 492 -14.42 -22.61 -27.98
C ILE A 492 -15.60 -22.32 -27.07
N TYR A 493 -15.31 -21.61 -25.98
CA TYR A 493 -16.32 -21.23 -24.99
C TYR A 493 -17.28 -20.16 -25.50
N TYR A 494 -16.72 -19.23 -26.28
CA TYR A 494 -17.49 -18.28 -27.08
C TYR A 494 -17.65 -18.94 -28.43
N LEU A 495 -18.63 -18.53 -29.24
CA LEU A 495 -18.91 -19.19 -30.52
C LEU A 495 -19.02 -20.68 -30.29
N THR A 496 -20.17 -21.07 -29.78
CA THR A 496 -20.44 -22.44 -29.33
C THR A 496 -21.05 -23.28 -30.46
N GLU A 497 -21.93 -22.66 -31.24
CA GLU A 497 -22.58 -23.29 -32.39
C GLU A 497 -21.59 -23.55 -33.53
N LEU A 498 -20.85 -22.52 -33.92
CA LEU A 498 -19.63 -22.68 -34.71
C LEU A 498 -18.52 -23.06 -33.73
N LEU A 499 -17.53 -23.83 -34.18
CA LEU A 499 -16.45 -24.36 -33.30
C LEU A 499 -17.01 -25.17 -32.11
N ARG A 500 -17.55 -26.35 -32.41
CA ARG A 500 -17.98 -27.29 -31.39
C ARG A 500 -16.77 -28.06 -30.88
N LYS A 501 -16.84 -28.52 -29.63
CA LYS A 501 -15.77 -29.33 -29.04
C LYS A 501 -15.86 -30.76 -29.59
N GLU A 502 -15.32 -30.93 -30.79
CA GLU A 502 -15.36 -32.22 -31.48
C GLU A 502 -14.27 -32.27 -32.56
N GLU A 503 -14.03 -33.46 -33.08
CA GLU A 503 -12.93 -33.73 -34.01
C GLU A 503 -13.30 -33.29 -35.43
N GLY A 504 -12.35 -32.63 -36.10
CA GLY A 504 -12.49 -32.23 -37.50
C GLY A 504 -13.51 -31.17 -37.84
N VAL A 505 -13.63 -30.13 -37.02
CA VAL A 505 -14.48 -28.99 -37.36
C VAL A 505 -13.74 -28.05 -38.31
N THR A 506 -14.50 -27.38 -39.17
CA THR A 506 -13.97 -26.39 -40.10
C THR A 506 -14.91 -25.20 -40.24
N VAL A 507 -14.39 -24.11 -40.81
CA VAL A 507 -15.11 -22.86 -40.98
C VAL A 507 -15.16 -22.49 -42.46
N THR A 508 -16.36 -22.40 -43.02
CA THR A 508 -16.54 -21.92 -44.41
C THR A 508 -16.35 -20.42 -44.45
N ARG A 509 -16.06 -19.90 -45.65
CA ARG A 509 -15.75 -18.48 -45.83
C ARG A 509 -16.88 -17.57 -45.34
N GLU A 510 -18.12 -17.99 -45.56
CA GLU A 510 -19.30 -17.26 -45.07
C GLU A 510 -19.33 -17.23 -43.54
N GLU A 511 -19.04 -18.37 -42.91
CA GLU A 511 -18.97 -18.47 -41.45
C GLU A 511 -17.80 -17.67 -40.84
N PHE A 512 -16.69 -17.61 -41.57
CA PHE A 512 -15.54 -16.78 -41.18
C PHE A 512 -15.87 -15.28 -41.28
N LEU A 513 -16.45 -14.87 -42.40
CA LEU A 513 -16.93 -13.48 -42.63
C LEU A 513 -17.90 -12.95 -41.54
N GLN A 514 -18.74 -13.82 -41.01
CA GLN A 514 -19.66 -13.46 -39.91
C GLN A 514 -18.93 -13.38 -38.55
N ALA A 515 -17.92 -14.22 -38.37
CA ALA A 515 -17.16 -14.29 -37.11
C ALA A 515 -16.39 -13.00 -36.79
N VAL A 516 -15.80 -12.37 -37.80
CA VAL A 516 -15.11 -11.08 -37.60
C VAL A 516 -16.01 -9.94 -37.09
N ARG A 517 -17.30 -10.00 -37.44
CA ARG A 517 -18.32 -9.09 -36.91
C ARG A 517 -18.53 -9.36 -35.43
N GLU A 518 -18.77 -10.64 -35.10
CA GLU A 518 -19.02 -11.08 -33.73
C GLU A 518 -17.79 -10.98 -32.81
N LEU A 519 -16.63 -11.40 -33.32
CA LEU A 519 -15.37 -11.36 -32.56
C LEU A 519 -14.78 -9.95 -32.42
N ASN A 520 -15.12 -9.06 -33.35
CA ASN A 520 -14.78 -7.63 -33.25
C ASN A 520 -16.06 -6.80 -33.42
N PRO A 521 -16.89 -6.72 -32.35
CA PRO A 521 -18.13 -5.96 -32.40
C PRO A 521 -17.99 -4.43 -32.23
N TYR A 522 -16.84 -3.97 -31.72
CA TYR A 522 -16.61 -2.54 -31.44
C TYR A 522 -15.99 -1.74 -32.61
N VAL A 523 -15.69 -2.38 -33.73
CA VAL A 523 -15.06 -1.71 -34.89
C VAL A 523 -16.07 -1.41 -36.01
N ASN A 524 -15.81 -0.32 -36.74
CA ASN A 524 -16.76 0.26 -37.71
C ASN A 524 -17.20 -0.69 -38.85
N GLY A 525 -16.27 -1.04 -39.73
CA GLY A 525 -16.60 -1.73 -40.98
C GLY A 525 -15.48 -1.70 -41.98
N ALA A 526 -14.92 -0.51 -42.21
CA ALA A 526 -13.69 -0.34 -42.97
C ALA A 526 -12.50 -0.98 -42.24
N ALA A 527 -12.52 -0.91 -40.91
CA ALA A 527 -11.59 -1.65 -40.05
C ALA A 527 -11.80 -3.15 -40.15
N ARG A 528 -13.06 -3.56 -40.21
CA ARG A 528 -13.43 -4.97 -40.41
C ARG A 528 -12.96 -5.52 -41.76
N GLN A 529 -12.85 -4.66 -42.77
CA GLN A 529 -12.24 -5.02 -44.05
C GLN A 529 -10.73 -5.24 -43.94
N ALA A 530 -10.07 -4.42 -43.11
CA ALA A 530 -8.64 -4.62 -42.82
C ALA A 530 -8.36 -5.92 -42.08
N ILE A 531 -9.31 -6.33 -41.22
CA ILE A 531 -9.19 -7.59 -40.46
C ILE A 531 -9.32 -8.82 -41.36
N VAL A 532 -10.29 -8.81 -42.28
CA VAL A 532 -10.46 -9.93 -43.23
C VAL A 532 -9.28 -10.08 -44.21
N PHE A 533 -8.61 -8.98 -44.55
CA PHE A 533 -7.41 -9.04 -45.42
C PHE A 533 -6.18 -9.56 -44.67
N GLU A 534 -5.95 -9.04 -43.46
CA GLU A 534 -4.78 -9.45 -42.66
C GLU A 534 -4.83 -10.92 -42.24
N TYR A 535 -6.05 -11.42 -41.99
CA TYR A 535 -6.25 -12.79 -41.51
C TYR A 535 -6.99 -13.62 -42.56
N THR A 536 -6.31 -13.81 -43.69
CA THR A 536 -6.79 -14.67 -44.79
C THR A 536 -5.59 -15.37 -45.43
N ASP A 537 -5.74 -16.68 -45.63
CA ASP A 537 -4.74 -17.49 -46.32
C ASP A 537 -4.94 -17.32 -47.82
N TRP A 538 -4.21 -16.38 -48.41
CA TRP A 538 -4.36 -16.05 -49.83
C TRP A 538 -3.82 -17.11 -50.81
N THR A 539 -3.09 -18.09 -50.28
CA THR A 539 -2.74 -19.29 -51.07
C THR A 539 -3.98 -20.11 -51.41
N GLU A 540 -4.94 -20.14 -50.48
CA GLU A 540 -6.20 -20.86 -50.67
C GLU A 540 -7.30 -20.15 -49.86
N PRO A 541 -7.79 -18.98 -50.34
CA PRO A 541 -8.70 -18.07 -49.61
C PRO A 541 -9.91 -18.70 -48.93
N ASP A 542 -10.52 -19.67 -49.61
CA ASP A 542 -11.74 -20.35 -49.11
C ASP A 542 -11.44 -21.71 -48.45
N ASN A 543 -10.25 -21.88 -47.87
CA ASN A 543 -9.88 -23.14 -47.22
C ASN A 543 -10.58 -23.25 -45.87
N PRO A 544 -11.35 -24.34 -45.65
CA PRO A 544 -12.05 -24.49 -44.37
C PRO A 544 -11.16 -24.57 -43.13
N ASN A 545 -9.96 -25.14 -43.27
CA ASN A 545 -9.00 -25.26 -42.16
C ASN A 545 -8.27 -23.94 -41.86
N SER A 546 -7.92 -23.21 -42.93
CA SER A 546 -7.25 -21.90 -42.80
C SER A 546 -8.16 -20.82 -42.22
N ASN A 547 -9.44 -20.86 -42.60
CA ASN A 547 -10.45 -19.94 -42.06
C ASN A 547 -10.71 -20.15 -40.57
N ARG A 548 -10.69 -21.40 -40.13
CA ARG A 548 -10.72 -21.73 -38.70
C ARG A 548 -9.48 -21.18 -37.99
N ASP A 549 -8.32 -21.37 -38.61
CA ASP A 549 -7.04 -20.88 -38.09
C ASP A 549 -6.99 -19.36 -38.01
N ALA A 550 -7.60 -18.69 -38.99
CA ALA A 550 -7.68 -17.23 -39.02
C ALA A 550 -8.38 -16.67 -37.78
N LEU A 551 -9.39 -17.37 -37.30
CA LEU A 551 -10.13 -16.98 -36.10
C LEU A 551 -9.27 -17.11 -34.85
N ASP A 552 -8.52 -18.20 -34.76
CA ASP A 552 -7.58 -18.40 -33.64
C ASP A 552 -6.54 -17.29 -33.54
N LYS A 553 -5.99 -16.91 -34.69
CA LYS A 553 -4.90 -15.93 -34.75
C LYS A 553 -5.36 -14.51 -34.44
N MET A 554 -6.47 -14.08 -35.01
CA MET A 554 -7.01 -12.72 -34.76
C MET A 554 -7.35 -12.47 -33.29
N VAL A 555 -7.88 -13.50 -32.62
CA VAL A 555 -8.17 -13.43 -31.18
C VAL A 555 -6.87 -13.57 -30.39
N GLY A 556 -6.04 -14.53 -30.77
CA GLY A 556 -4.77 -14.79 -30.09
C GLY A 556 -3.75 -13.66 -30.17
N ASP A 557 -3.65 -13.03 -31.34
CA ASP A 557 -2.76 -11.90 -31.57
C ASP A 557 -3.24 -10.67 -30.79
N TYR A 558 -4.51 -10.32 -30.99
CA TYR A 558 -5.10 -9.15 -30.37
C TYR A 558 -5.08 -9.20 -28.84
N HIS A 559 -5.45 -10.34 -28.27
CA HIS A 559 -5.62 -10.49 -26.82
C HIS A 559 -4.41 -10.97 -26.03
N PHE A 560 -3.41 -11.57 -26.69
CA PHE A 560 -2.24 -12.15 -25.99
C PHE A 560 -0.89 -11.86 -26.64
N THR A 561 -0.61 -12.51 -27.76
CA THR A 561 0.74 -12.50 -28.38
C THR A 561 1.36 -11.12 -28.57
N CYS A 562 0.60 -10.20 -29.15
CA CYS A 562 1.09 -8.86 -29.47
C CYS A 562 1.27 -7.95 -28.26
N ASN A 563 0.48 -8.21 -27.23
CA ASN A 563 0.57 -7.47 -25.97
C ASN A 563 1.80 -7.90 -25.15
N VAL A 564 2.15 -9.18 -25.25
CA VAL A 564 3.42 -9.70 -24.72
C VAL A 564 4.61 -9.06 -25.46
N ASN A 565 4.48 -8.94 -26.78
CA ASN A 565 5.51 -8.32 -27.62
C ASN A 565 5.72 -6.85 -27.28
N GLU A 566 4.64 -6.10 -27.11
CA GLU A 566 4.72 -4.69 -26.71
C GLU A 566 5.51 -4.54 -25.42
N PHE A 567 5.09 -5.30 -24.40
CA PHE A 567 5.70 -5.29 -23.07
C PHE A 567 7.18 -5.69 -23.13
N ALA A 568 7.45 -6.78 -23.82
CA ALA A 568 8.82 -7.29 -24.02
C ALA A 568 9.72 -6.32 -24.81
N GLN A 569 9.16 -5.70 -25.84
CA GLN A 569 9.92 -4.75 -26.68
C GLN A 569 10.18 -3.45 -25.94
N ARG A 570 9.20 -2.99 -25.15
CA ARG A 570 9.36 -1.80 -24.32
C ARG A 570 10.33 -1.99 -23.14
N TYR A 571 10.52 -3.25 -22.70
CA TYR A 571 11.54 -3.59 -21.70
C TYR A 571 12.94 -3.64 -22.31
N ALA A 572 13.01 -3.99 -23.60
CA ALA A 572 14.26 -4.21 -24.31
C ALA A 572 14.96 -2.89 -24.60
N GLU A 573 14.21 -1.96 -25.17
CA GLU A 573 14.71 -0.62 -25.51
C GLU A 573 14.74 0.38 -24.33
N GLU A 574 14.72 -0.15 -23.10
CA GLU A 574 15.08 0.59 -21.88
C GLU A 574 16.32 0.00 -21.16
N GLY A 575 17.01 -0.94 -21.79
CA GLY A 575 18.28 -1.49 -21.26
C GLY A 575 18.23 -2.89 -20.68
N ASN A 576 17.05 -3.32 -20.24
CA ASN A 576 16.90 -4.62 -19.57
C ASN A 576 16.99 -5.78 -20.54
N ASN A 577 17.60 -6.88 -20.08
CA ASN A 577 17.70 -8.11 -20.86
C ASN A 577 16.37 -8.87 -20.85
N VAL A 578 15.89 -9.22 -22.04
CA VAL A 578 14.62 -9.91 -22.23
C VAL A 578 14.89 -11.24 -22.92
N TYR A 579 14.08 -12.25 -22.61
CA TYR A 579 14.20 -13.59 -23.20
C TYR A 579 12.81 -14.09 -23.62
N MET A 580 12.51 -13.96 -24.92
CA MET A 580 11.21 -14.30 -25.49
C MET A 580 11.18 -15.78 -25.88
N TYR A 581 10.04 -16.44 -25.64
CA TYR A 581 9.79 -17.80 -26.13
C TYR A 581 8.53 -17.88 -27.01
N LEU A 582 8.50 -18.90 -27.86
CA LEU A 582 7.28 -19.32 -28.55
C LEU A 582 7.08 -20.81 -28.27
N TYR A 583 6.03 -21.13 -27.51
CA TYR A 583 5.77 -22.52 -27.10
C TYR A 583 4.94 -23.22 -28.16
N THR A 584 5.53 -24.26 -28.78
CA THR A 584 4.97 -24.90 -30.00
C THR A 584 4.80 -26.43 -29.88
N HIS A 585 4.35 -26.90 -28.72
CA HIS A 585 4.24 -28.36 -28.46
C HIS A 585 2.86 -28.85 -28.01
N ARG A 586 2.36 -29.86 -28.72
CA ARG A 586 1.15 -30.60 -28.35
C ARG A 586 1.53 -31.81 -27.53
N SER A 587 0.92 -31.94 -26.35
CA SER A 587 1.05 -33.18 -25.56
C SER A 587 0.40 -34.32 -26.33
N LYS A 588 1.02 -35.50 -26.27
CA LYS A 588 0.57 -36.64 -27.09
C LYS A 588 -0.84 -37.11 -26.73
N GLY A 589 -1.16 -37.11 -25.44
CA GLY A 589 -2.48 -37.48 -24.95
C GLY A 589 -3.30 -36.28 -24.53
N ASN A 590 -3.36 -35.28 -25.42
CA ASN A 590 -4.08 -34.04 -25.15
C ASN A 590 -5.59 -34.28 -25.32
N PRO A 591 -6.39 -33.98 -24.29
CA PRO A 591 -7.83 -34.31 -24.33
C PRO A 591 -8.65 -33.50 -25.34
N TRP A 592 -8.20 -32.28 -25.64
CA TRP A 592 -8.88 -31.43 -26.63
C TRP A 592 -8.64 -31.93 -28.06
N PRO A 593 -9.49 -31.52 -29.03
CA PRO A 593 -9.31 -31.97 -30.41
C PRO A 593 -7.93 -31.63 -31.01
N ARG A 594 -7.47 -32.44 -31.95
CA ARG A 594 -6.14 -32.25 -32.56
C ARG A 594 -5.98 -30.98 -33.41
N TRP A 595 -7.09 -30.43 -33.89
CA TRP A 595 -7.09 -29.12 -34.58
C TRP A 595 -6.81 -27.91 -33.68
N THR A 596 -7.12 -28.04 -32.38
CA THR A 596 -6.95 -26.92 -31.43
C THR A 596 -5.49 -26.49 -31.24
N GLY A 597 -4.55 -27.39 -31.53
CA GLY A 597 -3.13 -27.06 -31.49
C GLY A 597 -2.63 -26.75 -30.09
N VAL A 598 -1.59 -25.93 -30.01
CA VAL A 598 -0.96 -25.60 -28.74
C VAL A 598 -1.76 -24.48 -28.09
N MET A 599 -2.70 -24.87 -27.24
CA MET A 599 -3.63 -23.90 -26.66
C MET A 599 -3.03 -23.07 -25.53
N HIS A 600 -3.76 -22.01 -25.20
CA HIS A 600 -3.44 -21.12 -24.10
C HIS A 600 -3.41 -21.87 -22.77
N GLY A 601 -2.22 -21.98 -22.18
CA GLY A 601 -2.02 -22.64 -20.88
C GLY A 601 -1.35 -24.02 -20.93
N ASP A 602 -0.97 -24.47 -22.12
CA ASP A 602 -0.33 -25.79 -22.29
C ASP A 602 1.07 -25.85 -21.69
N GLU A 603 1.80 -24.72 -21.76
CA GLU A 603 3.13 -24.57 -21.15
C GLU A 603 3.20 -24.88 -19.65
N ILE A 604 2.10 -24.62 -18.94
CA ILE A 604 2.03 -24.75 -17.47
C ILE A 604 2.35 -26.17 -17.03
N ASN A 605 1.82 -27.15 -17.78
CA ASN A 605 2.01 -28.57 -17.49
C ASN A 605 3.49 -28.96 -17.47
N TYR A 606 4.29 -28.31 -18.31
CA TYR A 606 5.73 -28.59 -18.44
C TYR A 606 6.63 -27.75 -17.51
N VAL A 607 6.25 -26.50 -17.23
CA VAL A 607 7.03 -25.65 -16.28
C VAL A 607 6.91 -26.16 -14.83
N PHE A 608 5.78 -26.80 -14.50
CA PHE A 608 5.54 -27.38 -13.16
C PHE A 608 5.90 -28.87 -13.03
N GLY A 609 6.42 -29.49 -14.09
CA GLY A 609 6.96 -30.85 -14.03
C GLY A 609 5.92 -31.94 -13.89
N GLU A 610 4.80 -31.78 -14.60
CA GLU A 610 3.72 -32.78 -14.57
C GLU A 610 4.11 -34.11 -15.26
N PRO A 611 4.94 -34.07 -16.32
CA PRO A 611 5.45 -35.31 -16.93
C PRO A 611 6.34 -36.17 -16.03
N LEU A 612 7.00 -35.56 -15.05
CA LEU A 612 7.82 -36.30 -14.08
C LEU A 612 6.98 -37.20 -13.15
N ASN A 613 5.68 -36.92 -13.06
CA ASN A 613 4.71 -37.86 -12.46
C ASN A 613 4.37 -38.96 -13.48
N PRO A 614 4.94 -40.19 -13.30
CA PRO A 614 4.76 -41.22 -14.32
C PRO A 614 3.39 -41.90 -14.34
N THR A 615 2.58 -41.68 -13.30
CA THR A 615 1.20 -42.17 -13.27
C THR A 615 0.30 -41.50 -14.32
N LEU A 616 0.73 -40.34 -14.83
CA LEU A 616 0.20 -39.79 -16.07
C LEU A 616 1.05 -40.32 -17.22
N GLY A 617 0.45 -40.58 -18.37
CA GLY A 617 1.13 -41.27 -19.49
C GLY A 617 1.93 -40.37 -20.43
N TYR A 618 2.78 -39.52 -19.88
CA TYR A 618 3.65 -38.64 -20.67
C TYR A 618 4.82 -39.46 -21.26
N THR A 619 5.25 -39.10 -22.46
CA THR A 619 6.32 -39.84 -23.16
C THR A 619 7.70 -39.55 -22.53
N GLU A 620 8.74 -40.18 -23.06
CA GLU A 620 10.11 -39.96 -22.61
C GLU A 620 10.66 -38.60 -23.08
N ASP A 621 10.35 -38.23 -24.32
CA ASP A 621 10.77 -36.93 -24.87
C ASP A 621 10.05 -35.75 -24.21
N GLU A 622 8.80 -35.97 -23.80
CA GLU A 622 8.04 -34.98 -23.04
C GLU A 622 8.61 -34.78 -21.63
N LYS A 623 9.11 -35.86 -21.03
CA LYS A 623 9.81 -35.81 -19.74
C LYS A 623 11.13 -35.04 -19.84
N ASP A 624 11.89 -35.30 -20.92
CA ASP A 624 13.11 -34.53 -21.22
C ASP A 624 12.82 -33.07 -21.55
N PHE A 625 11.68 -32.81 -22.18
CA PHE A 625 11.27 -31.46 -22.56
C PHE A 625 10.81 -30.64 -21.35
N SER A 626 10.19 -31.30 -20.37
CA SER A 626 9.82 -30.65 -19.11
C SER A 626 11.06 -30.26 -18.29
N ARG A 627 11.97 -31.24 -18.13
CA ARG A 627 13.28 -31.01 -17.52
C ARG A 627 14.07 -29.88 -18.17
N LYS A 628 13.93 -29.76 -19.50
CA LYS A 628 14.57 -28.72 -20.29
C LYS A 628 14.05 -27.32 -19.95
N ILE A 629 12.73 -27.14 -20.02
CA ILE A 629 12.13 -25.81 -19.77
C ILE A 629 12.11 -25.45 -18.27
N MET A 630 12.05 -26.46 -17.40
CA MET A 630 12.17 -26.24 -15.95
C MET A 630 13.52 -25.65 -15.55
N ARG A 631 14.58 -26.01 -16.28
CA ARG A 631 15.92 -25.49 -16.03
C ARG A 631 16.00 -24.04 -16.49
N TYR A 632 15.61 -23.77 -17.73
CA TYR A 632 15.54 -22.40 -18.27
C TYR A 632 14.80 -21.45 -17.31
N TRP A 633 13.67 -21.91 -16.79
CA TRP A 633 12.87 -21.13 -15.85
C TRP A 633 13.63 -20.87 -14.54
N SER A 634 14.18 -21.94 -13.95
CA SER A 634 14.91 -21.84 -12.67
C SER A 634 16.27 -21.14 -12.80
N ASN A 635 17.02 -21.46 -13.86
CA ASN A 635 18.27 -20.76 -14.21
C ASN A 635 18.07 -19.24 -14.31
N PHE A 636 16.96 -18.84 -14.91
CA PHE A 636 16.60 -17.43 -15.05
C PHE A 636 16.24 -16.81 -13.70
N ALA A 637 15.46 -17.53 -12.89
CA ALA A 637 15.06 -17.07 -11.56
C ALA A 637 16.26 -16.90 -10.62
N LYS A 638 17.30 -17.71 -10.84
CA LYS A 638 18.52 -17.62 -10.04
C LYS A 638 19.41 -16.46 -10.48
N THR A 639 19.92 -16.52 -11.71
CA THR A 639 20.96 -15.60 -12.22
C THR A 639 20.50 -14.52 -13.21
N GLY A 640 19.23 -14.54 -13.61
CA GLY A 640 18.71 -13.61 -14.62
C GLY A 640 18.99 -13.96 -16.07
N ASN A 641 19.38 -15.22 -16.31
CA ASN A 641 19.62 -15.75 -17.65
C ASN A 641 19.14 -17.20 -17.66
N PRO A 642 18.21 -17.55 -18.57
CA PRO A 642 17.80 -18.96 -18.63
C PRO A 642 18.91 -19.89 -19.13
N ASN A 643 19.79 -19.35 -19.96
CA ASN A 643 20.91 -20.09 -20.53
C ASN A 643 21.80 -20.72 -19.45
N PRO A 644 22.41 -21.89 -19.75
CA PRO A 644 23.38 -22.46 -18.80
C PRO A 644 24.70 -21.69 -18.80
N ASN A 645 25.53 -21.97 -17.79
CA ASN A 645 26.83 -21.32 -17.63
C ASN A 645 27.75 -21.72 -18.78
N THR A 646 27.87 -23.03 -19.00
CA THR A 646 28.58 -23.61 -20.14
C THR A 646 27.57 -24.29 -21.07
N ALA A 647 27.44 -23.78 -22.29
CA ALA A 647 26.43 -24.21 -23.26
C ALA A 647 26.42 -25.72 -23.51
N SER A 648 25.24 -26.24 -23.87
CA SER A 648 25.03 -27.67 -24.13
C SER A 648 24.17 -27.89 -25.38
N SER A 649 24.21 -29.11 -25.91
CA SER A 649 23.33 -29.53 -27.02
C SER A 649 21.93 -29.84 -26.49
N GLU A 650 21.87 -30.41 -25.29
CA GLU A 650 20.63 -30.65 -24.56
C GLU A 650 19.90 -29.35 -24.18
N PHE A 651 20.69 -28.31 -23.90
CA PHE A 651 20.17 -26.97 -23.56
C PHE A 651 20.68 -25.93 -24.56
N PRO A 652 20.00 -25.78 -25.71
CA PRO A 652 20.37 -24.77 -26.73
C PRO A 652 20.41 -23.32 -26.24
N GLU A 653 21.03 -22.46 -27.04
CA GLU A 653 21.18 -21.04 -26.71
C GLU A 653 19.84 -20.31 -26.86
N TRP A 654 19.43 -19.68 -25.76
CA TRP A 654 18.34 -18.72 -25.76
C TRP A 654 18.96 -17.32 -25.84
N PRO A 655 18.97 -16.70 -27.05
CA PRO A 655 19.53 -15.34 -27.14
C PRO A 655 18.60 -14.29 -26.57
N LYS A 656 19.16 -13.14 -26.24
CA LYS A 656 18.40 -12.03 -25.68
C LYS A 656 17.43 -11.49 -26.73
N HIS A 657 16.20 -11.23 -26.31
CA HIS A 657 15.24 -10.47 -27.13
C HIS A 657 15.62 -9.00 -27.06
N THR A 658 16.55 -8.62 -27.93
CA THR A 658 17.05 -7.25 -27.99
C THR A 658 16.10 -6.38 -28.82
N ALA A 659 16.16 -5.07 -28.58
CA ALA A 659 15.26 -4.10 -29.22
C ALA A 659 15.39 -4.07 -30.75
N HIS A 660 16.63 -4.07 -31.23
CA HIS A 660 16.94 -4.02 -32.67
C HIS A 660 16.70 -5.37 -33.41
N GLY A 661 16.80 -6.46 -32.66
CA GLY A 661 16.78 -7.83 -33.20
C GLY A 661 15.46 -8.58 -33.01
N ARG A 662 14.82 -8.37 -31.86
CA ARG A 662 13.52 -8.96 -31.53
C ARG A 662 13.51 -10.50 -31.60
N HIS A 663 14.63 -11.13 -31.25
CA HIS A 663 14.78 -12.59 -31.33
C HIS A 663 13.90 -13.34 -30.33
N TYR A 664 13.59 -14.60 -30.65
CA TYR A 664 12.96 -15.52 -29.70
C TYR A 664 13.39 -16.96 -29.96
N LEU A 665 13.44 -17.76 -28.89
CA LEU A 665 13.72 -19.20 -28.96
C LEU A 665 12.42 -19.97 -29.05
N GLU A 666 12.29 -20.83 -30.06
CA GLU A 666 11.16 -21.76 -30.13
C GLU A 666 11.35 -22.86 -29.08
N LEU A 667 10.30 -23.12 -28.31
CA LEU A 667 10.29 -24.20 -27.31
C LEU A 667 9.43 -25.36 -27.80
N GLY A 668 10.10 -26.41 -28.28
CA GLY A 668 9.46 -27.65 -28.73
C GLY A 668 10.38 -28.84 -28.53
N LEU A 669 9.90 -30.01 -28.96
CA LEU A 669 10.60 -31.28 -28.73
C LEU A 669 11.98 -31.34 -29.36
N ASN A 670 12.01 -31.17 -30.68
CA ASN A 670 13.17 -31.47 -31.51
C ASN A 670 13.50 -30.21 -32.29
N THR A 671 13.82 -29.15 -31.56
CA THR A 671 14.18 -27.88 -32.18
C THR A 671 14.90 -26.95 -31.22
N SER A 672 15.58 -25.99 -31.83
CA SER A 672 16.19 -24.86 -31.16
C SER A 672 16.19 -23.66 -32.10
N PHE A 673 15.09 -23.54 -32.85
CA PHE A 673 14.94 -22.54 -33.92
C PHE A 673 14.80 -21.16 -33.29
N VAL A 674 15.73 -20.27 -33.65
CA VAL A 674 15.67 -18.88 -33.21
C VAL A 674 15.02 -18.05 -34.30
N GLY A 675 13.84 -17.51 -34.00
CA GLY A 675 13.10 -16.65 -34.94
C GLY A 675 13.26 -15.20 -34.56
N ARG A 676 12.43 -14.36 -35.17
CA ARG A 676 12.35 -12.94 -34.85
C ARG A 676 10.88 -12.53 -34.73
N GLY A 677 10.48 -12.13 -33.53
CA GLY A 677 9.12 -11.67 -33.23
C GLY A 677 8.61 -12.15 -31.88
N PRO A 678 7.61 -13.04 -31.84
CA PRO A 678 6.98 -13.67 -33.00
C PRO A 678 5.83 -12.85 -33.60
N ARG A 679 5.60 -13.05 -34.90
CA ARG A 679 4.45 -12.46 -35.63
C ARG A 679 4.39 -10.92 -35.59
N LEU A 680 5.49 -10.29 -35.99
CA LEU A 680 5.64 -8.83 -35.95
C LEU A 680 4.73 -8.04 -36.90
N ARG A 681 4.44 -8.62 -38.08
CA ARG A 681 3.57 -7.98 -39.07
C ARG A 681 2.10 -7.92 -38.60
N GLN A 682 1.63 -9.02 -38.02
CA GLN A 682 0.28 -9.11 -37.48
C GLN A 682 0.10 -8.22 -36.25
N CYS A 683 1.15 -8.09 -35.45
CA CYS A 683 1.15 -7.16 -34.31
C CYS A 683 1.28 -5.71 -34.73
N ALA A 684 2.07 -5.45 -35.76
CA ALA A 684 2.14 -4.13 -36.40
C ALA A 684 0.77 -3.71 -36.94
N PHE A 685 0.01 -4.67 -37.45
CA PHE A 685 -1.37 -4.43 -37.88
C PHE A 685 -2.23 -3.91 -36.73
N TRP A 686 -2.24 -4.66 -35.63
CA TRP A 686 -3.08 -4.35 -34.47
C TRP A 686 -2.66 -3.09 -33.69
N LYS A 687 -1.36 -2.90 -33.54
CA LYS A 687 -0.82 -1.83 -32.68
C LYS A 687 -0.51 -0.52 -33.42
N LYS A 688 -0.29 -0.58 -34.74
CA LYS A 688 0.05 0.62 -35.55
C LYS A 688 -0.99 0.93 -36.65
N TYR A 689 -1.30 -0.05 -37.50
CA TYR A 689 -2.14 0.20 -38.69
C TYR A 689 -3.61 0.46 -38.36
N LEU A 690 -4.25 -0.52 -37.72
CA LEU A 690 -5.69 -0.46 -37.46
C LEU A 690 -6.12 0.70 -36.56
N PRO A 691 -5.30 1.08 -35.56
CA PRO A 691 -5.60 2.25 -34.73
C PRO A 691 -5.79 3.56 -35.50
N GLN A 692 -4.85 3.86 -36.41
CA GLN A 692 -4.97 5.05 -37.26
C GLN A 692 -6.06 4.91 -38.33
N LEU A 693 -6.35 3.68 -38.75
CA LEU A 693 -7.45 3.42 -39.69
C LEU A 693 -8.82 3.71 -39.07
N VAL A 694 -8.98 3.37 -37.79
CA VAL A 694 -10.17 3.75 -37.02
C VAL A 694 -10.21 5.27 -36.79
N ALA A 695 -9.05 5.87 -36.50
CA ALA A 695 -8.93 7.33 -36.35
C ALA A 695 -9.29 8.10 -37.63
N ALA A 696 -8.91 7.53 -38.78
CA ALA A 696 -9.23 8.11 -40.08
C ALA A 696 -10.71 7.99 -40.45
N THR A 697 -11.28 6.79 -40.26
CA THR A 697 -12.66 6.47 -40.69
C THR A 697 -13.78 6.82 -39.69
N SER A 698 -13.42 7.21 -38.46
CA SER A 698 -14.40 7.58 -37.43
C SER A 698 -15.23 8.82 -37.81
N ASN A 699 -14.57 9.78 -38.44
CA ASN A 699 -15.22 11.02 -38.94
C ASN A 699 -15.66 10.86 -40.40
N ASP B 162 32.75 -4.61 4.38
CA ASP B 162 33.57 -3.79 5.33
C ASP B 162 33.33 -4.18 6.79
N ASN B 163 34.42 -4.29 7.54
CA ASN B 163 34.36 -4.46 9.00
C ASN B 163 34.30 -3.10 9.74
N ASP B 164 34.40 -2.01 8.98
CA ASP B 164 34.11 -0.66 9.47
C ASP B 164 32.63 -0.55 9.89
N PRO B 165 32.36 -0.15 11.14
CA PRO B 165 30.97 -0.18 11.64
C PRO B 165 30.07 0.94 11.14
N LEU B 166 30.65 2.08 10.75
CA LEU B 166 29.86 3.24 10.29
C LEU B 166 29.16 3.01 8.95
N VAL B 167 29.73 2.14 8.11
CA VAL B 167 29.05 1.71 6.86
C VAL B 167 28.06 0.59 7.11
N VAL B 168 26.94 0.65 6.37
CA VAL B 168 25.86 -0.34 6.45
C VAL B 168 25.33 -0.56 5.04
N ASN B 169 25.31 -1.82 4.59
CA ASN B 169 24.76 -2.19 3.29
C ASN B 169 23.24 -2.38 3.38
N THR B 170 22.50 -1.35 2.97
CA THR B 170 21.03 -1.37 2.94
C THR B 170 20.50 -2.20 1.77
N ASP B 171 19.18 -2.34 1.69
CA ASP B 171 18.55 -3.07 0.57
C ASP B 171 18.65 -2.39 -0.81
N LYS B 172 18.96 -1.09 -0.84
CA LYS B 172 19.18 -0.35 -2.10
C LYS B 172 20.60 0.20 -2.28
N GLY B 173 21.53 -0.19 -1.40
CA GLY B 173 22.94 0.22 -1.53
C GLY B 173 23.66 0.28 -0.20
N ARG B 174 24.82 0.91 -0.20
CA ARG B 174 25.61 1.15 1.01
C ARG B 174 25.57 2.62 1.44
N ILE B 175 25.66 2.85 2.75
CA ILE B 175 25.72 4.21 3.31
C ILE B 175 26.74 4.32 4.44
N ARG B 176 27.42 5.46 4.52
CA ARG B 176 28.39 5.73 5.59
C ARG B 176 27.88 6.84 6.52
N GLY B 177 27.86 6.54 7.82
CA GLY B 177 27.42 7.48 8.84
C GLY B 177 28.56 8.30 9.41
N ILE B 178 28.36 8.82 10.61
CA ILE B 178 29.37 9.64 11.29
C ILE B 178 29.16 9.66 12.81
N THR B 179 30.28 9.64 13.54
CA THR B 179 30.29 9.73 15.01
C THR B 179 30.34 11.20 15.42
N VAL B 180 29.40 11.58 16.28
CA VAL B 180 29.26 12.95 16.76
C VAL B 180 28.90 12.95 18.24
N ASP B 181 29.07 14.11 18.86
CA ASP B 181 28.80 14.28 20.28
C ASP B 181 27.35 14.72 20.49
N ALA B 182 26.65 14.03 21.38
CA ALA B 182 25.37 14.50 21.89
C ALA B 182 25.64 15.71 22.80
N PRO B 183 24.76 16.73 22.77
CA PRO B 183 24.92 17.95 23.59
C PRO B 183 25.47 17.75 25.00
N SER B 184 25.00 16.69 25.67
CA SER B 184 25.48 16.27 27.00
C SER B 184 27.00 16.08 27.09
N GLY B 185 27.57 15.46 26.07
CA GLY B 185 28.98 15.03 26.05
C GLY B 185 29.13 13.61 25.53
N LYS B 186 28.10 12.78 25.76
CA LYS B 186 28.08 11.39 25.31
C LYS B 186 28.06 11.29 23.79
N LYS B 187 28.52 10.14 23.30
CA LYS B 187 28.82 9.96 21.87
C LYS B 187 27.84 9.01 21.19
N VAL B 188 27.46 9.35 19.95
CA VAL B 188 26.48 8.60 19.15
C VAL B 188 26.93 8.44 17.70
N ASP B 189 26.48 7.37 17.04
CA ASP B 189 26.58 7.24 15.58
C ASP B 189 25.30 7.77 14.95
N VAL B 190 25.44 8.60 13.92
CA VAL B 190 24.30 9.15 13.19
C VAL B 190 24.40 8.84 11.69
N TRP B 191 23.23 8.66 11.07
CA TRP B 191 23.10 8.50 9.62
C TRP B 191 22.01 9.46 9.16
N LEU B 192 22.43 10.55 8.52
CA LEU B 192 21.56 11.68 8.17
C LEU B 192 21.33 11.81 6.66
N GLY B 193 20.07 11.86 6.26
CA GLY B 193 19.69 11.98 4.85
C GLY B 193 19.80 10.69 4.07
N ILE B 194 19.25 9.60 4.62
CA ILE B 194 19.18 8.31 3.91
C ILE B 194 17.95 8.39 3.00
N PRO B 195 18.13 8.31 1.66
CA PRO B 195 16.94 8.32 0.80
C PRO B 195 16.15 7.01 0.90
N TYR B 196 14.82 7.13 1.01
CA TYR B 196 13.91 5.97 0.98
C TYR B 196 12.93 5.97 -0.19
N ALA B 197 13.04 6.98 -1.08
CA ALA B 197 12.12 7.12 -2.20
C ALA B 197 12.73 7.83 -3.41
N GLN B 198 12.11 7.63 -4.57
CA GLN B 198 12.37 8.47 -5.74
C GLN B 198 11.86 9.88 -5.39
N PRO B 199 12.66 10.93 -5.67
CA PRO B 199 12.18 12.30 -5.48
C PRO B 199 10.85 12.53 -6.22
N PRO B 200 9.77 12.87 -5.49
CA PRO B 200 8.45 13.06 -6.10
C PRO B 200 8.40 14.35 -6.90
N VAL B 201 9.04 14.31 -8.07
CA VAL B 201 9.37 15.47 -8.88
C VAL B 201 8.76 15.27 -10.26
N GLY B 202 8.18 16.34 -10.80
CA GLY B 202 7.57 16.32 -12.12
C GLY B 202 6.34 15.44 -12.19
N PRO B 203 6.38 14.35 -12.99
CA PRO B 203 5.22 13.44 -13.10
C PRO B 203 4.74 12.86 -11.78
N LEU B 204 5.69 12.59 -10.89
CA LEU B 204 5.41 11.97 -9.59
C LEU B 204 4.88 12.93 -8.50
N ARG B 205 4.62 14.19 -8.84
CA ARG B 205 4.08 15.14 -7.88
C ARG B 205 2.60 14.88 -7.60
N PHE B 206 2.24 15.04 -6.33
CA PHE B 206 0.90 14.69 -5.78
C PHE B 206 0.60 13.19 -5.68
N ARG B 207 1.30 12.36 -6.47
CA ARG B 207 1.14 10.91 -6.43
C ARG B 207 1.89 10.32 -5.25
N HIS B 208 1.59 9.06 -4.97
CA HIS B 208 2.25 8.34 -3.87
C HIS B 208 3.71 8.04 -4.26
N PRO B 209 4.60 7.85 -3.27
CA PRO B 209 6.02 7.68 -3.59
C PRO B 209 6.36 6.32 -4.20
N ARG B 210 7.41 6.30 -4.99
CA ARG B 210 8.04 5.07 -5.48
C ARG B 210 9.28 4.87 -4.62
N PRO B 211 9.70 3.59 -4.38
CA PRO B 211 10.95 3.38 -3.64
C PRO B 211 12.18 3.91 -4.37
N ALA B 212 13.28 4.05 -3.64
CA ALA B 212 14.49 4.66 -4.19
C ALA B 212 15.17 3.75 -5.20
N GLU B 213 15.74 4.33 -6.25
CA GLU B 213 16.59 3.61 -7.19
C GLU B 213 17.89 3.24 -6.49
N LYS B 214 18.38 2.03 -6.74
CA LYS B 214 19.59 1.55 -6.08
C LYS B 214 20.82 2.31 -6.59
N TRP B 215 21.71 2.64 -5.65
CA TRP B 215 22.90 3.44 -5.93
C TRP B 215 24.14 2.59 -5.82
N THR B 216 25.21 3.07 -6.46
CA THR B 216 26.49 2.36 -6.54
C THR B 216 27.51 3.01 -5.61
N GLY B 217 28.43 2.20 -5.12
CA GLY B 217 29.47 2.67 -4.20
C GLY B 217 28.94 2.83 -2.80
N VAL B 218 29.31 3.94 -2.15
CA VAL B 218 28.90 4.25 -0.78
C VAL B 218 28.42 5.69 -0.72
N LEU B 219 27.14 5.86 -0.38
CA LEU B 219 26.52 7.18 -0.22
C LEU B 219 26.87 7.75 1.15
N ASN B 220 27.43 8.97 1.17
CA ASN B 220 27.77 9.66 2.43
C ASN B 220 26.49 10.21 3.05
N THR B 221 25.90 9.44 3.97
CA THR B 221 24.67 9.84 4.66
C THR B 221 25.02 10.59 5.96
N THR B 222 25.53 11.81 5.79
CA THR B 222 26.11 12.57 6.90
C THR B 222 25.53 13.98 7.14
N THR B 223 24.91 14.57 6.11
CA THR B 223 24.30 15.90 6.19
C THR B 223 22.79 15.79 6.43
N PRO B 224 22.21 16.64 7.31
CA PRO B 224 20.75 16.60 7.50
C PRO B 224 19.97 16.92 6.23
N PRO B 225 18.87 16.19 5.97
CA PRO B 225 18.14 16.31 4.70
C PRO B 225 17.40 17.63 4.51
N ASN B 226 17.01 17.87 3.27
CA ASN B 226 16.19 19.03 2.91
C ASN B 226 14.81 18.87 3.52
N SER B 227 14.30 19.94 4.14
CA SER B 227 12.91 19.99 4.58
C SER B 227 12.01 20.09 3.35
N CYS B 228 10.82 19.51 3.44
CA CYS B 228 9.85 19.57 2.35
C CYS B 228 9.30 20.98 2.22
N VAL B 229 8.82 21.30 1.02
CA VAL B 229 8.35 22.65 0.68
C VAL B 229 7.16 23.03 1.56
N GLN B 230 7.27 24.19 2.20
CA GLN B 230 6.24 24.71 3.10
C GLN B 230 6.39 26.22 3.27
N ILE B 231 5.47 26.83 4.02
CA ILE B 231 5.55 28.26 4.35
C ILE B 231 6.46 28.52 5.55
N VAL B 232 6.99 29.74 5.61
CA VAL B 232 7.82 30.21 6.73
C VAL B 232 7.02 31.18 7.59
N ASP B 233 6.92 30.88 8.87
CA ASP B 233 6.19 31.70 9.84
C ASP B 233 6.91 33.02 10.09
N THR B 234 6.43 34.08 9.43
CA THR B 234 6.96 35.44 9.58
C THR B 234 5.82 36.45 9.74
N VAL B 235 4.88 36.14 10.64
CA VAL B 235 3.86 37.09 11.10
C VAL B 235 4.39 37.84 12.34
N PHE B 236 5.13 37.13 13.20
CA PHE B 236 5.85 37.71 14.35
C PHE B 236 7.31 38.05 14.03
N GLY B 237 7.76 37.74 12.81
CA GLY B 237 9.11 38.09 12.36
C GLY B 237 10.10 37.05 12.84
N ASP B 238 10.98 37.47 13.76
CA ASP B 238 12.02 36.60 14.31
C ASP B 238 11.84 36.41 15.82
N PHE B 239 10.68 35.88 16.19
CA PHE B 239 10.37 35.47 17.56
C PHE B 239 10.88 34.04 17.75
N PRO B 240 11.82 33.80 18.70
CA PRO B 240 12.40 32.45 18.89
C PRO B 240 11.40 31.30 19.10
N GLY B 241 10.29 31.58 19.78
CA GLY B 241 9.22 30.59 20.01
C GLY B 241 8.47 30.14 18.77
N ALA B 242 8.43 31.00 17.75
CA ALA B 242 7.78 30.71 16.45
C ALA B 242 8.77 30.17 15.41
N THR B 243 9.98 30.75 15.36
CA THR B 243 11.01 30.36 14.39
C THR B 243 11.66 28.99 14.66
N MET B 244 11.50 28.44 15.87
CA MET B 244 11.96 27.08 16.18
C MET B 244 11.22 25.98 15.41
N TRP B 245 9.98 26.29 14.99
CA TRP B 245 9.15 25.38 14.18
C TRP B 245 9.31 25.58 12.67
N ASN B 246 9.89 26.72 12.27
CA ASN B 246 10.28 26.95 10.88
C ASN B 246 11.44 26.04 10.48
N PRO B 247 11.52 25.64 9.19
CA PRO B 247 12.57 24.73 8.72
C PRO B 247 14.00 25.31 8.80
N ASN B 248 14.93 24.49 9.31
CA ASN B 248 16.36 24.86 9.46
C ASN B 248 17.30 24.29 8.38
N THR B 249 16.75 23.49 7.46
CA THR B 249 17.47 23.02 6.26
C THR B 249 16.77 23.61 5.03
N PRO B 250 17.47 23.64 3.87
CA PRO B 250 16.87 24.28 2.70
C PRO B 250 15.63 23.54 2.18
N LEU B 251 14.66 24.31 1.70
CA LEU B 251 13.41 23.75 1.18
C LEU B 251 13.61 23.14 -0.19
N SER B 252 13.00 21.97 -0.40
CA SER B 252 13.14 21.21 -1.64
C SER B 252 12.02 20.19 -1.77
N GLU B 253 11.57 19.96 -3.00
CA GLU B 253 10.63 18.87 -3.29
C GLU B 253 11.30 17.51 -3.09
N ASP B 254 12.58 17.44 -3.44
CA ASP B 254 13.43 16.31 -3.09
C ASP B 254 13.73 16.37 -1.59
N CYS B 255 12.81 15.79 -0.81
CA CYS B 255 12.89 15.80 0.65
C CYS B 255 12.59 14.46 1.34
N LEU B 256 12.42 13.38 0.57
CA LEU B 256 11.98 12.10 1.14
C LEU B 256 13.19 11.32 1.64
N TYR B 257 13.62 11.67 2.86
CA TYR B 257 14.80 11.06 3.50
C TYR B 257 14.52 10.66 4.95
N ILE B 258 15.34 9.73 5.45
CA ILE B 258 15.24 9.19 6.81
C ILE B 258 16.53 9.46 7.59
N ASN B 259 16.36 9.79 8.86
CA ASN B 259 17.47 9.98 9.79
C ASN B 259 17.51 8.82 10.78
N VAL B 260 18.69 8.28 11.01
CA VAL B 260 18.91 7.22 11.98
C VAL B 260 20.05 7.66 12.91
N VAL B 261 19.82 7.49 14.21
CA VAL B 261 20.78 7.87 15.25
C VAL B 261 20.82 6.72 16.25
N ALA B 262 21.99 6.10 16.39
CA ALA B 262 22.18 4.96 17.30
C ALA B 262 23.12 5.35 18.45
N PRO B 263 22.87 4.83 19.68
CA PRO B 263 23.74 5.11 20.82
C PRO B 263 24.97 4.22 20.85
N ARG B 264 26.01 4.67 21.55
CA ARG B 264 27.26 3.90 21.71
C ARG B 264 27.53 3.57 23.19
N PRO B 265 27.92 2.34 23.53
CA PRO B 265 28.17 1.23 22.59
C PRO B 265 26.94 0.80 21.78
N ARG B 266 27.18 0.39 20.54
CA ARG B 266 26.09 0.07 19.61
C ARG B 266 25.35 -1.18 20.05
N PRO B 267 24.01 -1.06 20.20
CA PRO B 267 23.21 -2.22 20.55
C PRO B 267 23.01 -3.19 19.36
N LYS B 268 22.21 -4.22 19.60
CA LYS B 268 22.09 -5.39 18.74
C LYS B 268 20.65 -5.62 18.28
N ASN B 269 19.71 -5.41 19.20
CA ASN B 269 18.30 -5.70 18.99
C ASN B 269 17.48 -4.78 19.92
N ALA B 270 17.85 -3.50 19.93
CA ALA B 270 17.25 -2.52 20.84
C ALA B 270 15.94 -1.98 20.29
N ALA B 271 15.15 -1.36 21.16
CA ALA B 271 13.85 -0.81 20.79
C ALA B 271 14.05 0.42 19.90
N VAL B 272 13.24 0.52 18.86
CA VAL B 272 13.31 1.62 17.90
C VAL B 272 12.18 2.61 18.21
N MET B 273 12.56 3.86 18.46
CA MET B 273 11.60 4.94 18.72
C MET B 273 11.53 5.85 17.49
N LEU B 274 10.45 5.70 16.72
CA LEU B 274 10.32 6.33 15.40
C LEU B 274 9.49 7.62 15.45
N TRP B 275 10.15 8.74 15.18
CA TRP B 275 9.52 10.07 15.28
C TRP B 275 8.85 10.51 13.97
N ILE B 276 7.55 10.81 14.06
CA ILE B 276 6.82 11.51 12.99
C ILE B 276 6.46 12.90 13.53
N PHE B 277 6.97 13.94 12.87
CA PHE B 277 6.71 15.34 13.28
C PHE B 277 5.28 15.79 13.00
N GLY B 278 4.94 16.96 13.54
CA GLY B 278 3.65 17.59 13.32
C GLY B 278 3.78 19.04 12.88
N GLY B 279 2.84 19.48 12.05
CA GLY B 279 2.71 20.89 11.66
C GLY B 279 1.39 21.19 10.97
N GLY B 280 0.29 20.67 11.52
CA GLY B 280 -1.05 20.74 10.92
C GLY B 280 -1.17 20.13 9.53
N PHE B 281 -0.27 19.19 9.22
CA PHE B 281 -0.09 18.63 7.88
C PHE B 281 0.27 19.66 6.78
N TYR B 282 0.60 20.90 7.16
CA TYR B 282 1.04 21.95 6.23
C TYR B 282 2.50 22.38 6.42
N SER B 283 3.16 21.85 7.44
CA SER B 283 4.48 22.33 7.87
C SER B 283 5.22 21.27 8.69
N GLY B 284 6.48 21.58 9.01
CA GLY B 284 7.32 20.73 9.85
C GLY B 284 8.48 20.06 9.13
N THR B 285 9.41 19.55 9.92
CA THR B 285 10.58 18.81 9.43
C THR B 285 11.27 18.08 10.58
N ALA B 286 11.82 16.91 10.28
CA ALA B 286 12.58 16.12 11.27
C ALA B 286 13.89 16.77 11.73
N THR B 287 14.47 17.62 10.88
CA THR B 287 15.77 18.25 11.14
C THR B 287 15.80 19.36 12.19
N LEU B 288 14.63 19.78 12.69
CA LEU B 288 14.55 20.80 13.75
C LEU B 288 15.40 20.45 14.98
N ASP B 289 16.07 21.45 15.53
CA ASP B 289 16.91 21.29 16.72
C ASP B 289 16.14 20.91 18.00
N VAL B 290 14.83 21.19 18.04
CA VAL B 290 13.96 20.70 19.12
C VAL B 290 13.75 19.17 19.10
N TYR B 291 13.74 18.56 17.91
CA TYR B 291 13.66 17.08 17.78
C TYR B 291 15.05 16.42 17.78
N ASP B 292 16.00 16.93 18.58
CA ASP B 292 17.37 16.44 18.53
C ASP B 292 17.44 14.99 19.07
N HIS B 293 17.73 14.07 18.17
CA HIS B 293 17.68 12.63 18.45
C HIS B 293 18.86 12.14 19.30
N ARG B 294 19.98 12.87 19.26
CA ARG B 294 21.22 12.49 19.93
C ARG B 294 21.04 12.23 21.41
N ALA B 295 20.42 13.21 22.08
CA ALA B 295 20.20 13.18 23.52
C ALA B 295 19.33 12.00 23.93
N LEU B 296 18.18 11.86 23.28
CA LEU B 296 17.25 10.76 23.57
C LEU B 296 17.86 9.37 23.41
N ALA B 297 18.43 9.13 22.23
CA ALA B 297 19.10 7.86 21.91
C ALA B 297 20.18 7.50 22.92
N SER B 298 21.09 8.43 23.15
CA SER B 298 22.24 8.23 24.06
C SER B 298 21.85 8.04 25.53
N GLU B 299 20.75 8.65 25.97
CA GLU B 299 20.33 8.63 27.37
C GLU B 299 19.54 7.39 27.77
N GLU B 300 18.77 6.85 26.81
CA GLU B 300 17.88 5.69 27.04
C GLU B 300 18.32 4.39 26.39
N ASN B 301 19.40 4.43 25.60
CA ASN B 301 19.85 3.29 24.79
C ASN B 301 18.70 2.75 23.89
N VAL B 302 18.28 3.59 22.94
CA VAL B 302 17.31 3.20 21.91
C VAL B 302 17.76 3.76 20.56
N ILE B 303 17.33 3.10 19.49
CA ILE B 303 17.55 3.59 18.12
C ILE B 303 16.46 4.62 17.81
N VAL B 304 16.80 5.90 17.89
CA VAL B 304 15.88 6.98 17.53
C VAL B 304 15.98 7.19 16.02
N VAL B 305 14.85 6.98 15.34
CA VAL B 305 14.72 7.15 13.90
C VAL B 305 13.69 8.27 13.67
N SER B 306 13.85 9.01 12.57
CA SER B 306 12.88 9.99 12.14
C SER B 306 12.84 10.05 10.62
N LEU B 307 11.82 10.70 10.09
CA LEU B 307 11.56 10.72 8.65
C LEU B 307 10.97 12.05 8.21
N GLN B 308 11.13 12.32 6.92
CA GLN B 308 10.58 13.51 6.28
C GLN B 308 9.42 13.08 5.40
N TYR B 309 8.21 13.51 5.74
CA TYR B 309 7.04 13.25 4.89
C TYR B 309 6.55 14.56 4.27
N ARG B 310 6.04 14.47 3.05
CA ARG B 310 5.53 15.64 2.32
C ARG B 310 4.33 16.26 3.05
N VAL B 311 4.34 17.59 3.15
CA VAL B 311 3.26 18.34 3.81
C VAL B 311 2.61 19.32 2.84
N ALA B 312 1.50 19.90 3.28
CA ALA B 312 0.70 20.88 2.53
C ALA B 312 0.01 20.20 1.33
N SER B 313 -0.41 20.98 0.32
CA SER B 313 -1.07 20.43 -0.87
C SER B 313 -0.18 19.45 -1.63
N LEU B 314 1.13 19.67 -1.60
CA LEU B 314 2.09 18.71 -2.18
C LEU B 314 2.02 17.33 -1.53
N GLY B 315 1.71 17.30 -0.23
CA GLY B 315 1.56 16.06 0.52
C GLY B 315 0.16 15.46 0.60
N PHE B 316 -0.88 16.29 0.45
CA PHE B 316 -2.27 15.86 0.72
C PHE B 316 -3.34 16.43 -0.22
N LEU B 317 -2.98 16.69 -1.48
CA LEU B 317 -3.93 17.18 -2.48
C LEU B 317 -4.85 16.04 -2.90
N PHE B 318 -6.14 16.35 -3.03
CA PHE B 318 -7.16 15.38 -3.44
C PHE B 318 -8.07 15.99 -4.50
N LEU B 319 -8.20 15.28 -5.62
CA LEU B 319 -9.24 15.56 -6.62
C LEU B 319 -10.12 14.33 -6.93
N GLY B 320 -9.93 13.24 -6.20
CA GLY B 320 -10.64 11.97 -6.45
C GLY B 320 -10.25 11.28 -7.74
N THR B 321 -9.05 11.55 -8.22
CA THR B 321 -8.50 10.96 -9.46
C THR B 321 -7.24 10.17 -9.11
N PRO B 322 -6.77 9.30 -10.04
CA PRO B 322 -5.49 8.60 -9.81
C PRO B 322 -4.26 9.52 -9.73
N GLU B 323 -4.28 10.61 -10.48
CA GLU B 323 -3.17 11.58 -10.49
C GLU B 323 -3.15 12.52 -9.29
N ALA B 324 -4.27 12.59 -8.56
CA ALA B 324 -4.34 13.25 -7.26
C ALA B 324 -5.21 12.42 -6.30
N PRO B 325 -4.67 11.27 -5.83
CA PRO B 325 -5.44 10.32 -5.03
C PRO B 325 -5.63 10.71 -3.55
N GLY B 326 -4.82 11.63 -3.05
CA GLY B 326 -4.81 12.01 -1.62
C GLY B 326 -3.87 11.18 -0.79
N ASN B 327 -3.58 11.66 0.42
CA ASN B 327 -2.77 10.95 1.43
C ASN B 327 -1.33 10.57 1.01
N ALA B 328 -0.76 11.30 0.05
CA ALA B 328 0.62 11.03 -0.40
C ALA B 328 1.61 11.06 0.77
N GLY B 329 1.43 12.04 1.67
CA GLY B 329 2.24 12.19 2.88
C GLY B 329 2.20 10.99 3.80
N LEU B 330 1.02 10.41 3.96
CA LEU B 330 0.85 9.18 4.75
C LEU B 330 1.44 7.94 4.06
N PHE B 331 1.39 7.91 2.73
CA PHE B 331 2.05 6.84 1.96
C PHE B 331 3.58 6.98 1.98
N ASP B 332 4.07 8.22 2.10
CA ASP B 332 5.49 8.48 2.35
C ASP B 332 5.92 7.86 3.68
N GLN B 333 5.15 8.15 4.72
CA GLN B 333 5.35 7.57 6.05
C GLN B 333 5.25 6.04 6.05
N ASN B 334 4.27 5.52 5.31
CA ASN B 334 4.09 4.08 5.14
C ASN B 334 5.32 3.40 4.52
N LEU B 335 5.82 3.99 3.44
CA LEU B 335 7.06 3.51 2.78
C LEU B 335 8.28 3.64 3.69
N ALA B 336 8.33 4.74 4.43
CA ALA B 336 9.39 4.97 5.42
C ALA B 336 9.37 3.91 6.53
N LEU B 337 8.17 3.51 6.97
CA LEU B 337 8.01 2.43 7.95
C LEU B 337 8.48 1.08 7.39
N ARG B 338 8.21 0.83 6.11
CA ARG B 338 8.68 -0.37 5.42
C ARG B 338 10.20 -0.41 5.28
N TRP B 339 10.82 0.76 5.16
CA TRP B 339 12.28 0.85 5.15
C TRP B 339 12.87 0.44 6.49
N VAL B 340 12.35 1.03 7.56
CA VAL B 340 12.80 0.75 8.92
C VAL B 340 12.63 -0.73 9.29
N ARG B 341 11.55 -1.34 8.82
CA ARG B 341 11.33 -2.78 9.01
C ARG B 341 12.41 -3.62 8.29
N ASP B 342 12.72 -3.28 7.04
CA ASP B 342 13.70 -4.04 6.24
C ASP B 342 15.17 -3.83 6.61
N ASN B 343 15.49 -2.68 7.22
CA ASN B 343 16.90 -2.23 7.39
C ASN B 343 17.42 -2.04 8.83
N ILE B 344 16.55 -1.70 9.78
CA ILE B 344 16.99 -1.23 11.13
C ILE B 344 17.75 -2.26 11.98
N HIS B 345 17.64 -3.55 11.66
CA HIS B 345 18.50 -4.59 12.27
C HIS B 345 19.98 -4.39 11.96
N ARG B 346 20.29 -3.81 10.81
CA ARG B 346 21.68 -3.54 10.41
C ARG B 346 22.32 -2.38 11.20
N PHE B 347 21.48 -1.49 11.75
CA PHE B 347 21.91 -0.38 12.62
C PHE B 347 21.92 -0.74 14.12
N GLY B 348 21.39 -1.91 14.47
CA GLY B 348 21.36 -2.39 15.87
C GLY B 348 19.98 -2.38 16.52
N GLY B 349 18.94 -2.07 15.75
CA GLY B 349 17.56 -1.99 16.25
C GLY B 349 16.74 -3.24 15.96
N ASP B 350 15.80 -3.53 16.85
CA ASP B 350 14.86 -4.64 16.68
C ASP B 350 13.73 -4.18 15.75
N PRO B 351 13.49 -4.90 14.64
CA PRO B 351 12.34 -4.54 13.79
C PRO B 351 10.97 -4.79 14.43
N SER B 352 10.91 -5.73 15.38
CA SER B 352 9.67 -6.05 16.10
C SER B 352 9.32 -5.09 17.25
N ARG B 353 10.29 -4.26 17.66
CA ARG B 353 10.07 -3.28 18.73
C ARG B 353 10.16 -1.83 18.23
N VAL B 354 9.46 -1.57 17.12
CA VAL B 354 9.34 -0.23 16.55
C VAL B 354 8.14 0.47 17.22
N THR B 355 8.43 1.48 18.02
CA THR B 355 7.42 2.29 18.69
C THR B 355 7.29 3.63 17.99
N LEU B 356 6.11 3.88 17.40
CA LEU B 356 5.84 5.16 16.75
C LEU B 356 5.57 6.22 17.82
N PHE B 357 6.06 7.43 17.59
CA PHE B 357 5.75 8.56 18.47
C PHE B 357 5.77 9.89 17.73
N GLY B 358 4.81 10.74 18.06
CA GLY B 358 4.60 12.01 17.35
C GLY B 358 3.76 12.97 18.17
N GLU B 359 3.71 14.22 17.71
CA GLU B 359 2.97 15.29 18.38
C GLU B 359 2.11 16.05 17.38
N ALA B 361 -0.16 16.92 14.59
CA ALA B 361 -0.45 16.13 13.38
C ALA B 361 0.42 14.88 13.24
N GLY B 362 1.57 14.87 13.90
CA GLY B 362 2.44 13.70 13.99
C GLY B 362 1.83 12.57 14.81
N ALA B 363 1.11 12.94 15.87
CA ALA B 363 0.34 11.99 16.67
C ALA B 363 -0.90 11.51 15.90
N VAL B 364 -1.53 12.41 15.14
CA VAL B 364 -2.61 12.03 14.23
C VAL B 364 -2.13 10.99 13.23
N SER B 365 -1.03 11.31 12.54
CA SER B 365 -0.34 10.36 11.65
C SER B 365 -0.13 8.99 12.30
N VAL B 366 0.50 9.01 13.47
CA VAL B 366 0.77 7.80 14.27
C VAL B 366 -0.51 7.03 14.61
N SER B 367 -1.58 7.77 14.89
CA SER B 367 -2.88 7.17 15.22
C SER B 367 -3.52 6.49 14.01
N LEU B 368 -3.43 7.14 12.85
CA LEU B 368 -3.93 6.59 11.60
C LEU B 368 -3.17 5.33 11.15
N HIS B 369 -1.89 5.24 11.53
CA HIS B 369 -1.10 4.01 11.28
C HIS B 369 -1.61 2.79 12.05
N LEU B 370 -2.16 3.01 13.25
CA LEU B 370 -2.87 1.95 13.98
C LEU B 370 -4.18 1.54 13.29
N LEU B 371 -4.92 2.53 12.78
CA LEU B 371 -6.14 2.29 11.99
C LEU B 371 -5.89 1.61 10.65
N SER B 372 -4.81 2.02 9.97
CA SER B 372 -4.59 1.63 8.57
C SER B 372 -4.28 0.15 8.40
N ALA B 373 -4.87 -0.43 7.36
CA ALA B 373 -4.56 -1.79 6.91
C ALA B 373 -3.11 -1.94 6.40
N LEU B 374 -2.63 -0.92 5.68
CA LEU B 374 -1.31 -0.97 5.05
C LEU B 374 -0.12 -0.93 6.01
N SER B 375 -0.24 -0.21 7.12
CA SER B 375 0.85 -0.08 8.10
C SER B 375 0.62 -0.85 9.42
N ARG B 376 -0.36 -1.76 9.44
CA ARG B 376 -0.74 -2.51 10.64
C ARG B 376 0.38 -3.40 11.16
N ASP B 377 1.13 -4.03 10.26
CA ASP B 377 2.18 -4.99 10.61
C ASP B 377 3.63 -4.44 10.48
N LEU B 378 3.77 -3.11 10.44
CA LEU B 378 5.06 -2.43 10.28
C LEU B 378 5.65 -1.85 11.57
N PHE B 379 4.87 -1.86 12.64
CA PHE B 379 5.33 -1.36 13.95
C PHE B 379 4.67 -2.15 15.09
N GLN B 380 5.03 -1.82 16.32
CA GLN B 380 4.47 -2.48 17.52
C GLN B 380 3.54 -1.54 18.29
N ARG B 381 4.11 -0.55 18.99
CA ARG B 381 3.36 0.32 19.91
C ARG B 381 3.32 1.76 19.38
N ALA B 382 2.51 2.59 20.06
CA ALA B 382 2.30 3.98 19.64
C ALA B 382 2.24 4.94 20.83
N ILE B 383 2.88 6.10 20.67
CA ILE B 383 2.83 7.20 21.64
C ILE B 383 2.24 8.41 20.92
N LEU B 384 1.31 9.10 21.57
CA LEU B 384 0.50 10.14 20.91
C LEU B 384 0.35 11.40 21.76
N GLN B 385 1.12 12.42 21.41
CA GLN B 385 1.13 13.69 22.14
C GLN B 385 0.21 14.72 21.47
N SER B 386 -0.86 15.10 22.18
CA SER B 386 -1.80 16.13 21.71
C SER B 386 -2.38 15.85 20.32
N GLY B 387 -2.79 14.60 20.09
CA GLY B 387 -3.32 14.19 18.78
C GLY B 387 -4.17 12.93 18.82
N SER B 388 -5.06 12.84 17.83
CA SER B 388 -6.07 11.77 17.75
C SER B 388 -6.72 11.77 16.36
N PRO B 389 -7.05 10.57 15.82
CA PRO B 389 -7.58 10.51 14.44
C PRO B 389 -8.99 11.07 14.26
N THR B 390 -9.74 11.16 15.36
CA THR B 390 -11.09 11.75 15.35
C THR B 390 -11.12 13.27 15.60
N ALA B 391 -9.95 13.91 15.59
CA ALA B 391 -9.87 15.38 15.70
C ALA B 391 -10.54 16.03 14.48
N PRO B 392 -11.26 17.16 14.67
CA PRO B 392 -11.97 17.78 13.53
C PRO B 392 -11.08 18.24 12.36
N TRP B 393 -9.84 18.60 12.68
CA TRP B 393 -8.86 19.06 11.69
C TRP B 393 -8.03 17.93 11.04
N ALA B 394 -8.00 16.77 11.68
CA ALA B 394 -7.23 15.59 11.21
C ALA B 394 -7.56 15.18 9.78
N LEU B 395 -8.86 15.03 9.52
CA LEU B 395 -9.38 14.75 8.17
C LEU B 395 -10.38 15.80 7.72
N VAL B 396 -10.51 15.92 6.40
CA VAL B 396 -11.63 16.60 5.75
C VAL B 396 -12.31 15.60 4.83
N SER B 397 -13.51 15.94 4.37
CA SER B 397 -14.27 15.05 3.51
C SER B 397 -13.65 15.03 2.11
N ARG B 398 -13.72 13.87 1.47
CA ARG B 398 -13.30 13.74 0.07
C ARG B 398 -14.16 14.56 -0.91
N GLU B 399 -15.36 14.92 -0.48
CA GLU B 399 -16.20 15.89 -1.19
C GLU B 399 -15.62 17.30 -1.12
N GLU B 400 -15.26 17.73 0.10
CA GLU B 400 -14.68 19.07 0.34
C GLU B 400 -13.29 19.22 -0.28
N ALA B 401 -12.43 18.24 -0.01
CA ALA B 401 -11.03 18.26 -0.46
C ALA B 401 -10.83 18.47 -1.98
N THR B 402 -11.80 18.04 -2.78
CA THR B 402 -11.84 18.37 -4.21
C THR B 402 -12.03 19.87 -4.42
N LEU B 403 -13.03 20.42 -3.73
CA LEU B 403 -13.31 21.86 -3.76
C LEU B 403 -12.14 22.70 -3.26
N ARG B 404 -11.40 22.18 -2.27
CA ARG B 404 -10.18 22.82 -1.76
C ARG B 404 -9.10 22.91 -2.84
N ALA B 405 -8.97 21.83 -3.61
CA ALA B 405 -7.99 21.74 -4.70
C ALA B 405 -8.37 22.61 -5.88
N LEU B 406 -9.65 22.63 -6.23
CA LEU B 406 -10.17 23.50 -7.29
C LEU B 406 -10.06 24.99 -6.95
N ARG B 407 -10.16 25.33 -5.65
CA ARG B 407 -9.94 26.70 -5.19
C ARG B 407 -8.45 27.06 -5.19
N LEU B 408 -7.59 26.07 -4.90
CA LEU B 408 -6.13 26.22 -5.04
C LEU B 408 -5.70 26.39 -6.49
N ALA B 409 -6.31 25.61 -7.39
CA ALA B 409 -6.08 25.75 -8.83
C ALA B 409 -6.54 27.12 -9.36
N GLU B 410 -7.65 27.61 -8.82
CA GLU B 410 -8.20 28.93 -9.16
C GLU B 410 -7.29 30.08 -8.74
N ALA B 411 -6.72 29.97 -7.54
CA ALA B 411 -5.81 30.97 -6.98
C ALA B 411 -4.52 31.15 -7.78
N VAL B 412 -3.94 30.02 -8.20
CA VAL B 412 -2.66 29.99 -8.92
C VAL B 412 -2.83 30.34 -10.42
N GLY B 413 -4.06 30.25 -10.93
CA GLY B 413 -4.38 30.61 -12.31
C GLY B 413 -4.47 29.42 -13.26
N CYS B 414 -4.89 28.27 -12.74
CA CYS B 414 -5.08 27.05 -13.52
C CYS B 414 -6.57 26.76 -13.76
N PRO B 415 -6.89 25.84 -14.70
CA PRO B 415 -8.28 25.38 -14.85
C PRO B 415 -8.85 24.76 -13.57
N HIS B 416 -10.08 25.14 -13.24
CA HIS B 416 -10.74 24.73 -12.00
C HIS B 416 -12.15 24.18 -12.29
N GLU B 417 -12.27 23.43 -13.39
CA GLU B 417 -13.54 22.83 -13.81
C GLU B 417 -13.64 21.40 -13.24
N PRO B 418 -14.67 21.10 -12.42
CA PRO B 418 -14.81 19.73 -11.89
C PRO B 418 -15.13 18.65 -12.94
N SER B 419 -15.70 19.06 -14.07
CA SER B 419 -15.92 18.19 -15.22
C SER B 419 -14.63 17.67 -15.86
N LYS B 420 -13.56 18.49 -15.82
CA LYS B 420 -12.26 18.15 -16.40
C LYS B 420 -11.12 18.32 -15.39
N LEU B 421 -10.83 17.25 -14.65
CA LEU B 421 -9.84 17.27 -13.56
C LEU B 421 -8.40 17.03 -14.01
N SER B 422 -8.22 16.41 -15.18
CA SER B 422 -6.88 16.13 -15.72
C SER B 422 -6.10 17.40 -16.08
N ASP B 423 -6.81 18.40 -16.61
CA ASP B 423 -6.21 19.70 -16.93
C ASP B 423 -5.78 20.48 -15.68
N ALA B 424 -6.52 20.30 -14.59
CA ALA B 424 -6.23 20.94 -13.29
C ALA B 424 -4.95 20.38 -12.67
N VAL B 425 -4.88 19.05 -12.56
CA VAL B 425 -3.72 18.39 -11.96
C VAL B 425 -2.44 18.56 -12.81
N GLU B 426 -2.59 18.56 -14.13
CA GLU B 426 -1.47 18.80 -15.06
C GLU B 426 -0.89 20.21 -14.91
N CYS B 427 -1.77 21.21 -14.94
CA CYS B 427 -1.40 22.61 -14.75
C CYS B 427 -0.76 22.85 -13.39
N LEU B 428 -1.35 22.25 -12.35
CA LEU B 428 -0.80 22.33 -10.98
C LEU B 428 0.58 21.70 -10.85
N ARG B 429 0.82 20.60 -11.56
CA ARG B 429 2.15 19.96 -11.60
C ARG B 429 3.23 20.85 -12.23
N GLY B 430 2.82 21.72 -13.15
CA GLY B 430 3.73 22.66 -13.83
C GLY B 430 4.17 23.87 -13.01
N LYS B 431 3.30 24.34 -12.11
CA LYS B 431 3.58 25.54 -11.30
C LYS B 431 4.67 25.32 -10.25
N ASP B 432 5.27 26.43 -9.81
CA ASP B 432 6.35 26.42 -8.82
C ASP B 432 5.81 25.93 -7.47
N PRO B 433 6.59 25.10 -6.74
CA PRO B 433 6.09 24.53 -5.47
C PRO B 433 5.81 25.57 -4.36
N HIS B 434 6.55 26.67 -4.35
CA HIS B 434 6.34 27.74 -3.36
C HIS B 434 5.09 28.58 -3.62
N VAL B 435 4.74 28.75 -4.90
CA VAL B 435 3.48 29.39 -5.29
C VAL B 435 2.30 28.61 -4.72
N LEU B 436 2.34 27.28 -4.88
CA LEU B 436 1.30 26.38 -4.39
C LEU B 436 1.03 26.52 -2.88
N VAL B 437 2.09 26.38 -2.08
CA VAL B 437 1.95 26.43 -0.61
C VAL B 437 1.51 27.80 -0.06
N ASN B 438 1.96 28.87 -0.72
CA ASN B 438 1.64 30.25 -0.31
C ASN B 438 0.29 30.78 -0.83
N ASN B 439 -0.49 29.97 -1.55
CA ASN B 439 -1.86 30.33 -1.96
C ASN B 439 -2.91 29.25 -1.58
N GLU B 440 -2.73 28.63 -0.41
CA GLU B 440 -3.69 27.67 0.15
C GLU B 440 -4.67 28.28 1.17
N TRP B 441 -4.25 29.36 1.83
CA TRP B 441 -4.95 29.91 2.99
C TRP B 441 -5.93 31.03 2.63
N GLY B 442 -7.08 30.64 2.10
CA GLY B 442 -8.14 31.59 1.73
C GLY B 442 -8.90 32.12 2.93
N THR B 443 -10.12 31.58 3.14
CA THR B 443 -10.95 31.91 4.30
C THR B 443 -11.27 30.63 5.08
N LEU B 444 -10.29 30.20 5.87
CA LEU B 444 -10.40 29.01 6.72
C LEU B 444 -10.36 29.41 8.19
N GLY B 445 -11.29 28.88 8.98
CA GLY B 445 -11.43 29.22 10.40
C GLY B 445 -10.34 28.68 11.30
N ILE B 446 -10.56 28.79 12.61
CA ILE B 446 -9.57 28.34 13.61
C ILE B 446 -9.44 26.83 13.59
N CYS B 447 -8.20 26.35 13.74
CA CYS B 447 -7.87 24.92 13.82
C CYS B 447 -8.57 24.09 12.72
N GLU B 448 -8.43 24.55 11.48
CA GLU B 448 -8.83 23.77 10.30
C GLU B 448 -7.91 24.13 9.14
N PHE B 449 -7.19 23.12 8.67
CA PHE B 449 -6.06 23.31 7.75
C PHE B 449 -6.46 22.87 6.33
N PRO B 450 -5.97 23.60 5.29
CA PRO B 450 -6.49 23.45 3.92
C PRO B 450 -6.26 22.08 3.27
N PHE B 451 -5.11 21.47 3.51
CA PHE B 451 -4.78 20.14 2.96
C PHE B 451 -4.23 19.20 4.04
N VAL B 452 -5.04 18.18 4.33
CA VAL B 452 -4.83 17.25 5.44
C VAL B 452 -5.26 15.86 4.93
N PRO B 453 -5.07 14.79 5.74
CA PRO B 453 -5.55 13.45 5.40
C PRO B 453 -7.01 13.33 4.88
N VAL B 454 -7.29 12.20 4.24
CA VAL B 454 -8.59 11.92 3.65
C VAL B 454 -8.82 10.41 3.58
N VAL B 455 -10.08 9.98 3.63
CA VAL B 455 -10.44 8.56 3.50
C VAL B 455 -10.39 8.21 2.00
N ASP B 456 -9.38 7.44 1.61
CA ASP B 456 -9.06 7.21 0.19
C ASP B 456 -9.57 5.89 -0.39
N GLY B 457 -9.41 4.79 0.35
CA GLY B 457 -9.80 3.45 -0.10
C GLY B 457 -8.71 2.42 0.09
N ALA B 458 -7.46 2.86 0.08
CA ALA B 458 -6.28 2.00 0.25
C ALA B 458 -5.66 2.13 1.64
N PHE B 459 -5.25 3.34 1.99
CA PHE B 459 -4.73 3.64 3.33
C PHE B 459 -5.84 3.56 4.37
N LEU B 460 -6.95 4.24 4.07
CA LEU B 460 -8.17 4.19 4.90
C LEU B 460 -9.39 4.02 3.99
N ASP B 461 -10.17 2.96 4.23
CA ASP B 461 -11.44 2.72 3.51
C ASP B 461 -12.70 2.98 4.35
N GLU B 462 -12.52 3.63 5.51
CA GLU B 462 -13.63 4.11 6.32
C GLU B 462 -13.15 5.25 7.22
N THR B 463 -14.09 6.06 7.68
CA THR B 463 -13.78 7.17 8.59
C THR B 463 -13.24 6.62 9.92
N PRO B 464 -12.32 7.36 10.58
CA PRO B 464 -11.81 6.92 11.88
C PRO B 464 -12.87 6.65 12.94
N GLN B 465 -13.95 7.44 12.94
CA GLN B 465 -15.07 7.23 13.87
C GLN B 465 -15.73 5.85 13.71
N ARG B 466 -15.94 5.41 12.46
CA ARG B 466 -16.51 4.09 12.16
C ARG B 466 -15.61 2.92 12.58
N SER B 467 -14.30 3.10 12.41
CA SER B 467 -13.30 2.10 12.81
C SER B 467 -13.17 1.99 14.34
N LEU B 468 -13.37 3.10 15.03
CA LEU B 468 -13.44 3.12 16.50
C LEU B 468 -14.75 2.54 17.00
N ALA B 469 -15.85 2.85 16.30
CA ALA B 469 -17.16 2.26 16.58
C ALA B 469 -17.16 0.72 16.53
N SER B 470 -16.42 0.17 15.58
CA SER B 470 -16.35 -1.28 15.33
C SER B 470 -15.18 -1.99 16.01
N GLY B 471 -14.27 -1.24 16.61
CA GLY B 471 -13.05 -1.80 17.20
C GLY B 471 -12.03 -2.26 16.18
N ARG B 472 -12.03 -1.64 15.00
CA ARG B 472 -11.10 -1.98 13.92
C ARG B 472 -9.81 -1.14 13.98
N PHE B 473 -8.91 -1.57 14.86
CA PHE B 473 -7.57 -0.96 14.99
C PHE B 473 -6.59 -1.93 15.64
N LYS B 474 -5.32 -1.56 15.65
CA LYS B 474 -4.26 -2.43 16.16
C LYS B 474 -4.40 -2.68 17.67
N LYS B 475 -4.39 -3.96 18.04
CA LYS B 475 -4.43 -4.36 19.44
C LYS B 475 -3.04 -4.23 20.05
N THR B 476 -2.79 -3.09 20.68
CA THR B 476 -1.54 -2.84 21.38
C THR B 476 -1.69 -1.75 22.43
N GLU B 477 -0.59 -1.49 23.11
CA GLU B 477 -0.52 -0.50 24.17
C GLU B 477 -0.50 0.90 23.58
N ILE B 478 -0.93 1.87 24.39
CA ILE B 478 -1.01 3.28 23.98
C ILE B 478 -0.53 4.17 25.13
N LEU B 479 0.32 5.15 24.79
CA LEU B 479 0.75 6.18 25.72
C LEU B 479 0.41 7.53 25.11
N THR B 480 -0.66 8.15 25.59
CA THR B 480 -1.17 9.38 25.01
C THR B 480 -1.44 10.43 26.09
N GLY B 481 -1.70 11.65 25.66
CA GLY B 481 -2.01 12.74 26.58
C GLY B 481 -2.15 14.11 25.97
N SER B 482 -2.27 15.11 26.84
CA SER B 482 -2.49 16.51 26.47
C SER B 482 -1.74 17.44 27.40
N ASN B 483 -1.75 18.72 27.03
CA ASN B 483 -1.29 19.83 27.89
C ASN B 483 -2.50 20.61 28.39
N THR B 484 -2.26 21.50 29.35
CA THR B 484 -3.33 22.32 29.94
C THR B 484 -3.84 23.43 29.02
N GLU B 485 -2.93 24.08 28.28
CA GLU B 485 -3.27 25.21 27.40
C GLU B 485 -3.00 24.90 25.91
N GLU B 486 -3.77 23.94 25.39
CA GLU B 486 -3.68 23.54 23.99
C GLU B 486 -4.15 24.61 22.99
N GLY B 487 -5.07 25.47 23.43
CA GLY B 487 -5.76 26.41 22.55
C GLY B 487 -5.06 27.72 22.23
N TYR B 488 -4.58 28.42 23.27
CA TYR B 488 -3.98 29.76 23.15
C TYR B 488 -3.15 29.98 21.89
N TYR B 489 -2.24 29.03 21.62
CA TYR B 489 -1.36 29.05 20.45
C TYR B 489 -2.12 29.33 19.15
N PHE B 490 -3.24 28.65 18.95
CA PHE B 490 -4.08 28.81 17.76
C PHE B 490 -5.01 30.02 17.85
N ILE B 491 -5.28 30.49 19.07
CA ILE B 491 -6.07 31.71 19.30
C ILE B 491 -5.17 32.96 19.22
N ILE B 492 -3.85 32.76 19.24
CA ILE B 492 -2.90 33.87 19.04
C ILE B 492 -2.76 34.19 17.53
N TYR B 493 -2.51 33.15 16.72
CA TYR B 493 -2.29 33.34 15.28
C TYR B 493 -3.57 33.70 14.54
N TYR B 494 -4.56 32.82 14.63
CA TYR B 494 -5.96 33.17 14.31
C TYR B 494 -6.46 34.09 15.44
N LEU B 495 -7.40 34.99 15.12
CA LEU B 495 -7.85 36.04 16.08
C LEU B 495 -6.67 36.80 16.70
N THR B 496 -6.00 37.60 15.89
CA THR B 496 -4.79 38.34 16.32
C THR B 496 -5.04 39.79 16.75
N GLU B 497 -6.13 40.38 16.27
CA GLU B 497 -6.58 41.71 16.71
C GLU B 497 -6.81 41.76 18.23
N LEU B 498 -7.44 40.71 18.76
CA LEU B 498 -7.59 40.48 20.20
C LEU B 498 -6.51 39.50 20.63
N LEU B 499 -6.20 39.49 21.92
CA LEU B 499 -5.33 38.47 22.52
C LEU B 499 -3.92 38.45 21.89
N ARG B 500 -3.36 39.64 21.65
CA ARG B 500 -2.09 39.78 20.94
C ARG B 500 -0.87 39.37 21.77
N LYS B 501 0.24 39.19 21.09
CA LYS B 501 1.49 38.73 21.73
C LYS B 501 2.10 39.84 22.60
N GLU B 502 1.65 39.90 23.85
CA GLU B 502 2.21 40.80 24.87
C GLU B 502 1.82 40.32 26.27
N GLU B 503 2.59 40.75 27.26
CA GLU B 503 2.34 40.37 28.67
C GLU B 503 1.01 40.95 29.21
N GLY B 504 0.41 40.21 30.13
CA GLY B 504 -0.80 40.63 30.85
C GLY B 504 -2.01 41.07 30.05
N VAL B 505 -2.25 40.45 28.89
CA VAL B 505 -3.47 40.72 28.12
C VAL B 505 -4.67 39.96 28.72
N THR B 506 -5.86 40.52 28.57
CA THR B 506 -7.11 39.92 29.07
C THR B 506 -8.29 40.14 28.12
N VAL B 507 -9.36 39.39 28.35
CA VAL B 507 -10.55 39.39 27.50
C VAL B 507 -11.79 39.72 28.32
N THR B 508 -12.43 40.85 28.02
CA THR B 508 -13.69 41.24 28.68
C THR B 508 -14.86 40.38 28.21
N ARG B 509 -15.98 40.48 28.93
CA ARG B 509 -17.15 39.64 28.71
C ARG B 509 -17.72 39.74 27.30
N GLU B 510 -17.82 40.97 26.79
CA GLU B 510 -18.34 41.20 25.44
C GLU B 510 -17.37 40.70 24.36
N GLU B 511 -16.08 40.85 24.61
CA GLU B 511 -15.03 40.29 23.74
C GLU B 511 -15.06 38.76 23.72
N PHE B 512 -15.38 38.15 24.87
CA PHE B 512 -15.58 36.70 24.95
C PHE B 512 -16.83 36.28 24.18
N LEU B 513 -17.94 36.99 24.42
CA LEU B 513 -19.19 36.79 23.66
C LEU B 513 -19.03 36.94 22.14
N GLN B 514 -18.13 37.81 21.69
CA GLN B 514 -17.82 37.96 20.25
C GLN B 514 -16.87 36.87 19.76
N ALA B 515 -15.94 36.46 20.63
CA ALA B 515 -14.96 35.42 20.32
C ALA B 515 -15.59 34.05 20.03
N VAL B 516 -16.57 33.66 20.84
CA VAL B 516 -17.27 32.38 20.65
C VAL B 516 -18.00 32.25 19.30
N ARG B 517 -18.43 33.37 18.73
CA ARG B 517 -19.02 33.41 17.40
C ARG B 517 -17.99 33.15 16.29
N GLU B 518 -16.81 33.75 16.44
CA GLU B 518 -15.71 33.62 15.47
C GLU B 518 -14.90 32.32 15.58
N LEU B 519 -14.87 31.73 16.77
CA LEU B 519 -14.22 30.41 16.99
C LEU B 519 -15.15 29.22 16.71
N ASN B 520 -16.46 29.45 16.70
CA ASN B 520 -17.46 28.46 16.28
C ASN B 520 -18.51 29.13 15.37
N PRO B 521 -18.19 29.32 14.07
CA PRO B 521 -19.10 29.99 13.12
C PRO B 521 -20.08 29.08 12.37
N TYR B 522 -20.02 27.76 12.61
CA TYR B 522 -20.90 26.78 11.96
C TYR B 522 -22.15 26.44 12.76
N VAL B 523 -22.09 26.60 14.08
CA VAL B 523 -23.22 26.32 14.97
C VAL B 523 -24.35 27.34 14.85
N ASN B 524 -25.53 26.96 15.36
CA ASN B 524 -26.80 27.66 15.06
C ASN B 524 -27.27 28.75 16.04
N GLY B 525 -26.57 28.93 17.17
CA GLY B 525 -26.88 30.02 18.11
C GLY B 525 -27.49 29.57 19.43
N ALA B 526 -28.42 28.62 19.36
CA ALA B 526 -28.88 27.88 20.53
C ALA B 526 -27.73 27.02 21.11
N ALA B 527 -26.82 26.61 20.23
CA ALA B 527 -25.58 25.91 20.60
C ALA B 527 -24.52 26.84 21.17
N ARG B 528 -24.45 28.08 20.67
CA ARG B 528 -23.56 29.12 21.23
C ARG B 528 -23.84 29.39 22.71
N GLN B 529 -25.12 29.43 23.08
CA GLN B 529 -25.56 29.60 24.47
C GLN B 529 -25.05 28.49 25.40
N ALA B 530 -24.97 27.28 24.87
CA ALA B 530 -24.45 26.12 25.60
C ALA B 530 -22.94 26.18 25.78
N ILE B 531 -22.23 26.67 24.76
CA ILE B 531 -20.77 26.81 24.80
C ILE B 531 -20.37 27.90 25.80
N VAL B 532 -21.02 29.06 25.72
CA VAL B 532 -20.76 30.16 26.67
C VAL B 532 -21.04 29.74 28.11
N PHE B 533 -22.13 28.99 28.32
CA PHE B 533 -22.47 28.45 29.63
C PHE B 533 -21.41 27.48 30.15
N GLU B 534 -21.04 26.51 29.32
CA GLU B 534 -20.04 25.50 29.68
C GLU B 534 -18.63 26.09 29.88
N TYR B 535 -18.33 27.18 29.18
CA TYR B 535 -17.03 27.86 29.28
C TYR B 535 -17.16 29.29 29.81
N THR B 536 -17.87 29.44 30.92
CA THR B 536 -17.83 30.68 31.71
C THR B 536 -17.69 30.33 33.19
N ASP B 537 -16.90 31.14 33.89
CA ASP B 537 -16.64 30.96 35.32
C ASP B 537 -17.76 31.61 36.12
N TRP B 538 -18.68 30.79 36.62
CA TRP B 538 -19.83 31.28 37.39
C TRP B 538 -19.50 31.80 38.80
N THR B 539 -18.28 31.51 39.25
CA THR B 539 -17.68 32.16 40.43
C THR B 539 -17.57 33.68 40.21
N GLU B 540 -17.03 34.06 39.05
CA GLU B 540 -16.94 35.46 38.63
C GLU B 540 -17.09 35.57 37.10
N PRO B 541 -18.35 35.62 36.60
CA PRO B 541 -18.67 35.64 35.15
C PRO B 541 -17.95 36.67 34.28
N ASP B 542 -17.77 37.88 34.81
CA ASP B 542 -17.13 38.99 34.06
C ASP B 542 -15.66 39.24 34.43
N ASN B 543 -14.97 38.24 34.97
CA ASN B 543 -13.53 38.33 35.24
C ASN B 543 -12.77 38.33 33.91
N PRO B 544 -11.98 39.39 33.62
CA PRO B 544 -11.23 39.41 32.36
C PRO B 544 -10.18 38.29 32.19
N ASN B 545 -9.56 37.86 33.29
CA ASN B 545 -8.59 36.75 33.27
C ASN B 545 -9.26 35.41 32.99
N SER B 546 -10.37 35.18 33.68
CA SER B 546 -11.13 33.93 33.56
C SER B 546 -11.82 33.77 32.20
N ASN B 547 -12.33 34.89 31.65
CA ASN B 547 -12.92 34.90 30.29
C ASN B 547 -11.89 34.62 29.20
N ARG B 548 -10.64 35.02 29.42
CA ARG B 548 -9.52 34.72 28.50
C ARG B 548 -9.19 33.24 28.49
N ASP B 549 -9.01 32.68 29.68
CA ASP B 549 -8.70 31.25 29.85
C ASP B 549 -9.81 30.34 29.30
N ALA B 550 -11.05 30.83 29.38
CA ALA B 550 -12.20 30.13 28.82
C ALA B 550 -12.11 29.92 27.29
N LEU B 551 -11.49 30.87 26.59
CA LEU B 551 -11.25 30.74 25.15
C LEU B 551 -10.20 29.69 24.84
N ASP B 552 -9.12 29.67 25.63
CA ASP B 552 -8.09 28.61 25.53
C ASP B 552 -8.71 27.22 25.62
N LYS B 553 -9.62 27.05 26.59
CA LYS B 553 -10.20 25.74 26.88
C LYS B 553 -11.18 25.26 25.82
N MET B 554 -12.09 26.13 25.37
CA MET B 554 -13.08 25.74 24.35
C MET B 554 -12.45 25.27 23.04
N VAL B 555 -11.30 25.85 22.68
CA VAL B 555 -10.54 25.45 21.50
C VAL B 555 -9.62 24.27 21.83
N GLY B 556 -8.96 24.33 22.98
CA GLY B 556 -8.09 23.24 23.45
C GLY B 556 -8.78 21.92 23.72
N ASP B 557 -10.04 21.97 24.15
CA ASP B 557 -10.83 20.77 24.43
C ASP B 557 -11.36 20.15 23.15
N TYR B 558 -12.08 20.94 22.36
CA TYR B 558 -12.76 20.50 21.15
C TYR B 558 -11.80 19.93 20.09
N HIS B 559 -10.68 20.60 19.90
CA HIS B 559 -9.69 20.22 18.88
C HIS B 559 -8.60 19.24 19.33
N PHE B 560 -8.29 19.21 20.63
CA PHE B 560 -7.18 18.39 21.12
C PHE B 560 -7.56 17.44 22.26
N THR B 561 -7.75 17.96 23.47
CA THR B 561 -7.89 17.15 24.70
C THR B 561 -8.95 16.06 24.61
N CYS B 562 -10.12 16.40 24.07
CA CYS B 562 -11.28 15.51 24.10
C CYS B 562 -11.26 14.41 23.05
N ASN B 563 -10.48 14.61 22.00
CA ASN B 563 -10.25 13.61 20.98
C ASN B 563 -9.18 12.62 21.44
N VAL B 564 -8.18 13.12 22.16
CA VAL B 564 -7.18 12.28 22.84
C VAL B 564 -7.86 11.34 23.85
N ASN B 565 -8.82 11.88 24.60
CA ASN B 565 -9.57 11.12 25.60
C ASN B 565 -10.43 10.02 24.98
N GLU B 566 -11.10 10.34 23.88
CA GLU B 566 -11.95 9.38 23.15
C GLU B 566 -11.13 8.21 22.58
N PHE B 567 -9.96 8.51 22.04
CA PHE B 567 -9.06 7.49 21.48
C PHE B 567 -8.54 6.56 22.57
N ALA B 568 -8.14 7.15 23.69
CA ALA B 568 -7.70 6.40 24.87
C ALA B 568 -8.81 5.56 25.48
N GLN B 569 -10.04 6.07 25.42
CA GLN B 569 -11.21 5.41 26.02
C GLN B 569 -11.56 4.13 25.25
N ARG B 570 -11.75 4.27 23.95
CA ARG B 570 -12.08 3.13 23.08
C ARG B 570 -11.00 2.05 23.09
N TYR B 571 -9.74 2.47 23.19
CA TYR B 571 -8.62 1.54 23.33
C TYR B 571 -8.72 0.79 24.66
N ALA B 572 -8.87 1.55 25.74
CA ALA B 572 -8.99 1.00 27.09
C ALA B 572 -10.11 -0.04 27.23
N GLU B 573 -11.25 0.23 26.62
CA GLU B 573 -12.44 -0.65 26.72
C GLU B 573 -12.53 -1.73 25.62
N GLU B 574 -11.45 -1.88 24.85
CA GLU B 574 -11.23 -3.06 24.00
C GLU B 574 -10.08 -3.92 24.56
N GLY B 575 -9.86 -3.82 25.88
CA GLY B 575 -8.87 -4.63 26.59
C GLY B 575 -7.41 -4.25 26.44
N ASN B 576 -7.13 -3.06 25.91
CA ASN B 576 -5.75 -2.60 25.69
C ASN B 576 -5.25 -1.79 26.88
N ASN B 577 -3.96 -1.92 27.16
CA ASN B 577 -3.31 -1.19 28.24
C ASN B 577 -2.96 0.23 27.80
N VAL B 578 -3.73 1.20 28.26
CA VAL B 578 -3.53 2.62 27.91
C VAL B 578 -2.89 3.34 29.08
N TYR B 579 -2.11 4.38 28.77
CA TYR B 579 -1.50 5.25 29.78
C TYR B 579 -1.72 6.70 29.37
N MET B 580 -2.44 7.44 30.21
CA MET B 580 -2.80 8.83 29.92
C MET B 580 -1.90 9.76 30.74
N TYR B 581 -1.53 10.89 30.14
CA TYR B 581 -0.82 11.96 30.85
C TYR B 581 -1.52 13.31 30.72
N LEU B 582 -1.16 14.21 31.62
CA LEU B 582 -1.52 15.62 31.53
C LEU B 582 -0.27 16.44 31.86
N TYR B 583 0.32 17.04 30.84
CA TYR B 583 1.57 17.79 30.98
C TYR B 583 1.26 19.20 31.53
N THR B 584 1.83 19.50 32.70
CA THR B 584 1.50 20.73 33.45
C THR B 584 2.74 21.55 33.85
N HIS B 585 3.73 21.64 32.95
CA HIS B 585 5.01 22.29 33.27
C HIS B 585 5.43 23.42 32.31
N ARG B 586 5.82 24.55 32.89
CA ARG B 586 6.37 25.70 32.16
C ARG B 586 7.89 25.69 32.19
N SER B 587 8.52 25.95 31.05
CA SER B 587 9.95 26.23 31.02
C SER B 587 10.21 27.57 31.72
N LYS B 588 11.28 27.63 32.51
CA LYS B 588 11.61 28.82 33.32
C LYS B 588 11.99 30.03 32.45
N GLY B 589 12.58 29.77 31.28
CA GLY B 589 12.94 30.82 30.32
C GLY B 589 12.12 30.72 29.04
N ASN B 590 10.81 30.68 29.21
CA ASN B 590 9.89 30.56 28.07
C ASN B 590 9.69 31.95 27.46
N PRO B 591 9.99 32.09 26.15
CA PRO B 591 9.86 33.41 25.51
C PRO B 591 8.42 33.87 25.30
N TRP B 592 7.46 32.94 25.25
CA TRP B 592 6.04 33.29 25.13
C TRP B 592 5.54 34.02 26.39
N PRO B 593 4.40 34.73 26.29
CA PRO B 593 3.84 35.44 27.46
C PRO B 593 3.52 34.56 28.67
N ARG B 594 3.38 35.20 29.82
CA ARG B 594 3.13 34.52 31.09
C ARG B 594 1.72 33.91 31.16
N TRP B 595 0.76 34.62 30.58
CA TRP B 595 -0.65 34.15 30.51
C TRP B 595 -0.90 32.93 29.62
N THR B 596 0.01 32.65 28.69
CA THR B 596 -0.14 31.52 27.77
C THR B 596 -0.07 30.17 28.47
N GLY B 597 0.69 30.09 29.56
CA GLY B 597 0.79 28.87 30.36
C GLY B 597 1.49 27.75 29.61
N VAL B 598 1.09 26.52 29.92
CA VAL B 598 1.71 25.33 29.31
C VAL B 598 1.05 25.08 27.95
N MET B 599 1.63 25.68 26.92
CA MET B 599 1.00 25.70 25.59
C MET B 599 1.16 24.39 24.81
N HIS B 600 0.51 24.36 23.64
CA HIS B 600 0.59 23.23 22.71
C HIS B 600 2.03 22.94 22.23
N GLY B 601 2.42 21.66 22.28
CA GLY B 601 3.75 21.23 21.86
C GLY B 601 4.90 21.68 22.75
N ASP B 602 4.59 22.02 24.00
CA ASP B 602 5.60 22.51 24.97
C ASP B 602 6.44 21.37 25.55
N GLU B 603 5.87 20.17 25.55
CA GLU B 603 6.53 18.98 26.09
C GLU B 603 7.65 18.38 25.22
N ILE B 604 7.73 18.81 23.96
CA ILE B 604 8.64 18.18 22.99
C ILE B 604 10.11 18.32 23.39
N ASN B 605 10.45 19.50 23.92
CA ASN B 605 11.82 19.80 24.37
C ASN B 605 12.29 18.82 25.44
N TYR B 606 11.38 18.47 26.35
CA TYR B 606 11.68 17.59 27.48
C TYR B 606 11.70 16.10 27.12
N VAL B 607 10.83 15.66 26.21
CA VAL B 607 10.87 14.25 25.73
C VAL B 607 12.09 13.94 24.87
N PHE B 608 12.62 14.95 24.18
CA PHE B 608 13.83 14.79 23.35
C PHE B 608 15.15 15.14 24.05
N GLY B 609 15.09 15.54 25.31
CA GLY B 609 16.29 15.78 26.12
C GLY B 609 17.03 17.07 25.82
N GLU B 610 16.28 18.12 25.48
CA GLU B 610 16.86 19.45 25.24
C GLU B 610 17.39 20.13 26.50
N PRO B 611 16.77 19.88 27.68
CA PRO B 611 17.35 20.41 28.93
C PRO B 611 18.76 19.93 29.28
N LEU B 612 19.14 18.75 28.78
CA LEU B 612 20.49 18.22 28.98
C LEU B 612 21.60 18.95 28.20
N ASN B 613 21.23 19.86 27.31
CA ASN B 613 22.18 20.71 26.58
C ASN B 613 22.75 21.81 27.50
N PRO B 614 24.08 21.78 27.76
CA PRO B 614 24.70 22.75 28.68
C PRO B 614 24.85 24.17 28.11
N THR B 615 24.85 24.32 26.79
CA THR B 615 24.83 25.66 26.16
C THR B 615 23.53 26.42 26.47
N LEU B 616 22.46 25.67 26.70
CA LEU B 616 21.16 26.23 27.13
C LEU B 616 21.10 26.34 28.66
N GLY B 617 20.17 27.17 29.14
CA GLY B 617 20.09 27.55 30.56
C GLY B 617 18.93 26.96 31.32
N TYR B 618 18.68 25.67 31.10
CA TYR B 618 17.66 24.93 31.83
C TYR B 618 18.13 24.64 33.25
N THR B 619 17.18 24.60 34.18
CA THR B 619 17.49 24.35 35.59
C THR B 619 17.76 22.86 35.82
N GLU B 620 18.33 22.55 36.99
CA GLU B 620 18.65 21.16 37.34
C GLU B 620 17.40 20.33 37.64
N ASP B 621 16.35 21.00 38.13
CA ASP B 621 15.03 20.38 38.31
C ASP B 621 14.40 20.04 36.96
N GLU B 622 14.55 20.96 36.01
CA GLU B 622 14.10 20.74 34.62
C GLU B 622 14.88 19.65 33.90
N LYS B 623 16.18 19.52 34.21
CA LYS B 623 17.01 18.42 33.69
C LYS B 623 16.56 17.05 34.21
N ASP B 624 16.20 16.99 35.49
CA ASP B 624 15.67 15.77 36.12
C ASP B 624 14.32 15.38 35.51
N PHE B 625 13.43 16.36 35.40
CA PHE B 625 12.11 16.20 34.77
C PHE B 625 12.16 15.68 33.33
N SER B 626 13.21 16.06 32.61
CA SER B 626 13.42 15.59 31.22
C SER B 626 13.85 14.13 31.21
N ARG B 627 14.85 13.80 32.03
CA ARG B 627 15.28 12.42 32.25
C ARG B 627 14.17 11.52 32.81
N LYS B 628 13.26 12.12 33.58
CA LYS B 628 12.10 11.41 34.14
C LYS B 628 11.17 10.89 33.04
N ILE B 629 10.70 11.81 32.19
CA ILE B 629 9.75 11.46 31.12
C ILE B 629 10.40 10.72 29.95
N MET B 630 11.69 10.98 29.71
CA MET B 630 12.45 10.19 28.73
C MET B 630 12.53 8.71 29.12
N ARG B 631 12.54 8.44 30.43
CA ARG B 631 12.53 7.08 30.96
C ARG B 631 11.17 6.42 30.74
N TYR B 632 10.11 7.11 31.14
CA TYR B 632 8.73 6.65 30.91
C TYR B 632 8.50 6.27 29.45
N TRP B 633 8.87 7.18 28.55
CA TRP B 633 8.67 7.02 27.11
C TRP B 633 9.43 5.80 26.57
N SER B 634 10.72 5.74 26.89
CA SER B 634 11.59 4.64 26.50
C SER B 634 11.20 3.30 27.16
N ASN B 635 10.76 3.36 28.42
CA ASN B 635 10.24 2.18 29.12
C ASN B 635 9.00 1.64 28.42
N PHE B 636 8.09 2.53 28.05
CA PHE B 636 6.91 2.18 27.27
C PHE B 636 7.29 1.56 25.93
N ALA B 637 8.18 2.22 25.22
CA ALA B 637 8.70 1.74 23.93
C ALA B 637 9.33 0.34 24.02
N LYS B 638 10.03 0.10 25.13
CA LYS B 638 10.69 -1.18 25.39
C LYS B 638 9.70 -2.27 25.79
N THR B 639 8.90 -1.97 26.81
CA THR B 639 8.09 -2.97 27.53
C THR B 639 6.56 -2.90 27.32
N GLY B 640 6.05 -1.74 26.95
CA GLY B 640 4.60 -1.47 26.91
C GLY B 640 4.05 -0.89 28.21
N ASN B 641 4.95 -0.44 29.08
CA ASN B 641 4.61 0.13 30.38
C ASN B 641 5.66 1.19 30.74
N PRO B 642 5.23 2.45 30.99
CA PRO B 642 6.20 3.48 31.38
C PRO B 642 6.82 3.29 32.77
N ASN B 643 6.07 2.66 33.67
CA ASN B 643 6.54 2.39 35.04
C ASN B 643 7.78 1.49 35.06
N PRO B 644 8.79 1.82 35.90
CA PRO B 644 9.94 0.94 36.01
C PRO B 644 9.65 -0.34 36.80
N ASN B 645 10.36 -1.41 36.44
CA ASN B 645 10.35 -2.66 37.21
C ASN B 645 11.13 -2.42 38.50
N THR B 646 10.60 -2.93 39.61
CA THR B 646 11.09 -2.68 41.00
C THR B 646 10.43 -1.44 41.66
N ALA B 647 9.87 -0.53 40.86
CA ALA B 647 9.15 0.66 41.33
C ALA B 647 10.03 1.60 42.16
N SER B 648 10.79 2.45 41.46
CA SER B 648 11.68 3.43 42.09
C SER B 648 10.89 4.53 42.82
N SER B 649 11.49 5.12 43.84
CA SER B 649 10.85 6.18 44.64
C SER B 649 10.79 7.53 43.90
N GLU B 650 11.87 7.85 43.18
CA GLU B 650 11.97 9.06 42.37
C GLU B 650 11.01 9.08 41.16
N PHE B 651 10.64 7.88 40.68
CA PHE B 651 9.67 7.70 39.60
C PHE B 651 8.30 7.28 40.17
N PRO B 652 7.33 8.22 40.24
CA PRO B 652 6.02 7.83 40.77
C PRO B 652 5.25 6.79 39.94
N GLU B 653 4.24 6.19 40.56
CA GLU B 653 3.35 5.24 39.91
C GLU B 653 2.51 5.96 38.85
N TRP B 654 2.65 5.51 37.60
CA TRP B 654 1.74 5.87 36.51
C TRP B 654 0.72 4.73 36.37
N PRO B 655 -0.51 4.92 36.89
CA PRO B 655 -1.52 3.87 36.74
C PRO B 655 -2.08 3.79 35.31
N LYS B 656 -2.57 2.63 34.94
CA LYS B 656 -3.18 2.41 33.62
C LYS B 656 -4.46 3.22 33.47
N HIS B 657 -4.60 3.91 32.33
CA HIS B 657 -5.84 4.60 31.97
C HIS B 657 -6.88 3.57 31.56
N THR B 658 -7.49 2.95 32.58
CA THR B 658 -8.49 1.91 32.39
C THR B 658 -9.86 2.51 32.01
N ALA B 659 -10.71 1.65 31.44
CA ALA B 659 -12.04 2.05 30.95
C ALA B 659 -12.98 2.54 32.06
N HIS B 660 -12.89 1.92 33.23
CA HIS B 660 -13.73 2.21 34.39
C HIS B 660 -13.27 3.50 35.09
N GLY B 661 -12.01 3.50 35.50
CA GLY B 661 -11.40 4.59 36.28
C GLY B 661 -10.97 5.83 35.51
N ARG B 662 -10.36 5.62 34.33
CA ARG B 662 -9.86 6.70 33.46
C ARG B 662 -8.74 7.53 34.10
N HIS B 663 -7.82 6.87 34.78
CA HIS B 663 -6.74 7.55 35.50
C HIS B 663 -5.68 8.13 34.54
N TYR B 664 -5.23 9.35 34.85
CA TYR B 664 -4.13 10.00 34.15
C TYR B 664 -3.08 10.46 35.15
N LEU B 665 -1.81 10.49 34.72
CA LEU B 665 -0.72 11.02 35.54
C LEU B 665 -0.48 12.50 35.19
N GLU B 666 -0.34 13.33 36.22
CA GLU B 666 0.11 14.71 36.05
C GLU B 666 1.63 14.72 35.92
N LEU B 667 2.12 15.21 34.78
CA LEU B 667 3.55 15.39 34.55
C LEU B 667 3.96 16.84 34.81
N GLY B 668 4.45 17.08 36.03
CA GLY B 668 5.02 18.36 36.44
C GLY B 668 6.29 18.15 37.25
N LEU B 669 6.87 19.25 37.72
CA LEU B 669 8.13 19.21 38.47
C LEU B 669 7.97 18.57 39.86
N ASN B 670 7.06 19.12 40.64
CA ASN B 670 6.93 18.78 42.06
C ASN B 670 5.56 18.15 42.40
N THR B 671 5.08 17.29 41.50
CA THR B 671 3.77 16.64 41.66
C THR B 671 3.75 15.24 41.05
N SER B 672 3.05 14.34 41.75
CA SER B 672 2.73 13.00 41.22
C SER B 672 1.22 12.77 41.34
N PHE B 673 0.45 13.82 41.02
CA PHE B 673 -1.00 13.81 41.19
C PHE B 673 -1.64 12.94 40.11
N VAL B 674 -2.52 12.05 40.56
CA VAL B 674 -3.29 11.17 39.67
C VAL B 674 -4.76 11.55 39.73
N GLY B 675 -5.30 12.00 38.59
CA GLY B 675 -6.68 12.44 38.48
C GLY B 675 -7.51 11.52 37.61
N ARG B 676 -8.63 12.04 37.10
CA ARG B 676 -9.53 11.31 36.21
C ARG B 676 -9.85 12.14 34.98
N GLY B 677 -9.55 11.59 33.80
CA GLY B 677 -9.84 12.24 32.52
C GLY B 677 -8.59 12.55 31.70
N PRO B 678 -8.17 13.82 31.60
CA PRO B 678 -8.76 14.95 32.32
C PRO B 678 -9.94 15.60 31.59
N ARG B 679 -10.66 16.45 32.33
CA ARG B 679 -11.72 17.31 31.78
C ARG B 679 -12.86 16.50 31.11
N LEU B 680 -13.28 15.43 31.78
CA LEU B 680 -14.33 14.53 31.26
C LEU B 680 -15.69 15.22 31.08
N ARG B 681 -16.00 16.12 32.00
CA ARG B 681 -17.24 16.90 31.95
C ARG B 681 -17.28 17.80 30.71
N GLN B 682 -16.17 18.49 30.47
CA GLN B 682 -16.01 19.35 29.29
C GLN B 682 -15.92 18.59 27.98
N CYS B 683 -15.46 17.35 28.03
CA CYS B 683 -15.44 16.46 26.85
C CYS B 683 -16.76 15.75 26.58
N ALA B 684 -17.54 15.50 27.63
CA ALA B 684 -18.93 15.04 27.48
C ALA B 684 -19.82 16.12 26.85
N PHE B 685 -19.44 17.38 27.02
CA PHE B 685 -20.13 18.50 26.37
C PHE B 685 -20.02 18.41 24.85
N TRP B 686 -18.78 18.29 24.36
CA TRP B 686 -18.50 18.28 22.92
C TRP B 686 -18.87 16.98 22.21
N LYS B 687 -18.72 15.84 22.89
CA LYS B 687 -18.94 14.51 22.28
C LYS B 687 -20.35 13.94 22.53
N LYS B 688 -20.98 14.27 23.66
CA LYS B 688 -22.30 13.73 24.03
C LYS B 688 -23.45 14.75 23.91
N TYR B 689 -23.34 15.87 24.62
CA TYR B 689 -24.46 16.82 24.72
C TYR B 689 -24.68 17.68 23.48
N LEU B 690 -23.64 18.38 23.03
CA LEU B 690 -23.79 19.34 21.92
C LEU B 690 -24.21 18.70 20.58
N PRO B 691 -23.70 17.49 20.27
CA PRO B 691 -24.16 16.80 19.07
C PRO B 691 -25.67 16.55 19.03
N GLN B 692 -26.22 16.06 20.12
CA GLN B 692 -27.68 15.84 20.22
C GLN B 692 -28.49 17.13 20.39
N LEU B 693 -27.84 18.23 20.79
CA LEU B 693 -28.48 19.57 20.79
C LEU B 693 -28.66 20.08 19.36
N VAL B 694 -27.56 20.17 18.63
CA VAL B 694 -27.57 20.64 17.23
C VAL B 694 -28.62 19.88 16.39
N ALA B 695 -28.71 18.56 16.60
CA ALA B 695 -29.69 17.70 15.93
C ALA B 695 -31.13 17.98 16.37
N ALA B 696 -31.31 18.30 17.65
CA ALA B 696 -32.60 18.73 18.19
C ALA B 696 -33.06 20.08 17.63
N THR B 697 -32.14 21.05 17.59
CA THR B 697 -32.47 22.43 17.19
C THR B 697 -32.52 22.65 15.69
N SER B 698 -31.48 22.23 14.98
CA SER B 698 -31.37 22.48 13.54
C SER B 698 -32.49 21.79 12.74
N ASN B 699 -33.18 22.58 11.91
CA ASN B 699 -34.31 22.10 11.10
C ASN B 699 -33.88 21.81 9.68
#